data_1EU1
#
_entry.id   1EU1
#
_cell.length_a   102.176
_cell.length_b   141.718
_cell.length_c   59.812
_cell.angle_alpha   90.00
_cell.angle_beta   90.00
_cell.angle_gamma   90.00
#
_symmetry.space_group_name_H-M   'P 21 21 2'
#
loop_
_entity.id
_entity.type
_entity.pdbx_description
1 polymer 'DIMETHYL SULFOXIDE REDUCTASE'
2 non-polymer alpha-D-glucopyranose
3 non-polymer 'SULFATE ION'
4 non-polymer 'CADMIUM ION'
5 non-polymer '2-AMINO-5,6-DIMERCAPTO-7-METHYL-3,7,8A,9-TETRAHYDRO-8-OXA-1,3,9,10-TETRAAZA-ANTHRACEN-4-ONE GUANOSINE DINUCLEOTIDE'
6 non-polymer 'MOLYBDENUM(VI) ION'
7 non-polymer 'OXYGEN ATOM'
8 non-polymer '4-(2-HYDROXYETHYL)-1-PIPERAZINE ETHANESULFONIC ACID'
9 water water
#
_entity_poly.entity_id   1
_entity_poly.type   'polypeptide(L)'
_entity_poly.pdbx_seq_one_letter_code
;EGLANGEVMSGCHWGVFKARVENGRAVAFEPWDKDPAPSHQLPGVLDSIYSPTRIKYPMVRREFLEKGVNADRSTRGNGD
FVRVTWDEALDLVARELKRVQESYGPTGTFGGSYGWKSPGRLHNCQVLMRRALNLAGGFVNSSGDYSTAAAQIIMPHVMG
TLEVYEQQTAWPVVVENTDLMVFWAADPMKTNEIGWVIPDHGAYAGMKALKEKGTRVI(CSD)INPVRTETADYFGADVV
SPRPQTDVALMLGMAHTLYSEDLHDKDFLENCTTGFDLFAAYLTGESDGTPKTAEWAAEICGLPAEQIRELARSFVAGRT
MLAAGWSIQRMHHGEQAHWMLVTLASMIGQIGLPGGGFGLSYHYSNGGSPTSDGPALGGISDGGKAVEGAAWLSESGATS
IPCARVVDMLLNPGGEFQFNGATATYPDVKLAYWAGGNPFAHHQDRNRMLKAWEKLETFIVQDFQWTATARHADIVLPAT
TSYERNDIESVGDYSNRAILAMKKVVDPLYEARSDYDIFAALAERLGKGAEFTEGRDEMGWISSFYEAAVKQAEFKNVAM
PSFEDFWSEGIVEFPITEGANFVRYADFREDPLFNPLGTPSGLIEIYSKNIEKMGYDDCPAHPTWMEPAERLGGAGAKYP
LHVVASHPKSRLHSQLNGTSLRDLYAVAGHEPCLINPADAAARGIADGDVLRVFNDRGQILVGAKVSDAVMPGAIQIYEG
GWYDPLDPSEEGTLDKYGDVNVLSLDVGTSKLAQGNCGQTILADVEKYAGAPVTVTVFDTPKGA
;
_entity_poly.pdbx_strand_id   A
#
# COMPACT_ATOMS: atom_id res chain seq x y z
N ALA A 4 -22.28 -29.24 0.01
CA ALA A 4 -21.98 -29.89 1.28
C ALA A 4 -22.52 -29.10 2.45
N ASN A 5 -22.33 -29.65 3.64
CA ASN A 5 -22.76 -29.12 4.92
C ASN A 5 -21.69 -29.36 5.98
N GLY A 6 -21.22 -28.31 6.65
CA GLY A 6 -20.18 -28.46 7.67
C GLY A 6 -19.37 -27.19 7.87
N GLU A 7 -18.21 -27.32 8.50
CA GLU A 7 -17.29 -26.21 8.78
C GLU A 7 -15.98 -26.39 8.02
N VAL A 8 -15.42 -25.32 7.48
CA VAL A 8 -14.16 -25.34 6.75
C VAL A 8 -13.24 -24.20 7.22
N MET A 9 -12.01 -24.48 7.67
CA MET A 9 -11.05 -23.45 8.03
C MET A 9 -10.19 -23.03 6.82
N SER A 10 -10.02 -21.72 6.64
CA SER A 10 -9.17 -21.15 5.59
C SER A 10 -8.65 -19.79 6.06
N GLY A 11 -8.08 -18.98 5.15
CA GLY A 11 -7.54 -17.68 5.51
C GLY A 11 -7.58 -16.68 4.36
N CYS A 12 -7.22 -15.43 4.66
CA CYS A 12 -7.30 -14.30 3.73
C CYS A 12 -6.45 -13.14 4.26
N HIS A 13 -6.44 -11.98 3.57
CA HIS A 13 -5.69 -10.82 4.02
C HIS A 13 -6.15 -10.24 5.36
N TRP A 14 -7.35 -10.60 5.82
CA TRP A 14 -7.97 -10.15 7.06
C TRP A 14 -7.82 -11.13 8.21
N GLY A 15 -7.25 -12.32 7.99
CA GLY A 15 -6.96 -13.32 9.01
C GLY A 15 -7.44 -14.74 8.72
N VAL A 16 -7.18 -15.65 9.67
CA VAL A 16 -7.67 -17.03 9.63
C VAL A 16 -9.17 -16.99 9.98
N PHE A 17 -10.00 -17.86 9.40
CA PHE A 17 -11.43 -17.90 9.72
C PHE A 17 -11.96 -19.33 9.62
N LYS A 18 -13.15 -19.55 10.21
CA LYS A 18 -13.85 -20.83 10.16
C LYS A 18 -15.19 -20.60 9.47
N ALA A 19 -15.36 -21.08 8.23
CA ALA A 19 -16.60 -20.89 7.49
C ALA A 19 -17.65 -21.95 7.80
N ARG A 20 -18.92 -21.53 7.89
CA ARG A 20 -20.06 -22.44 8.05
C ARG A 20 -20.71 -22.57 6.66
N VAL A 21 -20.88 -23.78 6.15
CA VAL A 21 -21.45 -24.07 4.83
C VAL A 21 -22.74 -24.86 4.97
N GLU A 22 -23.81 -24.45 4.29
CA GLU A 22 -25.12 -25.08 4.31
C GLU A 22 -25.61 -25.26 2.87
N ASN A 23 -25.88 -26.49 2.44
CA ASN A 23 -26.34 -26.77 1.10
C ASN A 23 -25.47 -26.14 0.02
N GLY A 24 -24.15 -26.25 0.16
CA GLY A 24 -23.18 -25.75 -0.80
C GLY A 24 -22.93 -24.26 -0.85
N ARG A 25 -23.49 -23.48 0.08
CA ARG A 25 -23.32 -22.03 0.14
C ARG A 25 -22.73 -21.63 1.49
N ALA A 26 -21.71 -20.76 1.49
CA ALA A 26 -21.11 -20.25 2.74
C ALA A 26 -22.10 -19.26 3.37
N VAL A 27 -22.43 -19.40 4.65
CA VAL A 27 -23.39 -18.57 5.34
C VAL A 27 -22.77 -17.72 6.44
N ALA A 28 -21.54 -17.98 6.87
CA ALA A 28 -20.83 -17.17 7.85
C ALA A 28 -19.32 -17.42 7.78
N PHE A 29 -18.49 -16.40 7.97
CA PHE A 29 -17.03 -16.51 8.09
C PHE A 29 -16.74 -16.10 9.56
N GLU A 30 -16.64 -17.07 10.48
CA GLU A 30 -16.43 -16.77 11.90
C GLU A 30 -14.96 -16.60 12.26
N PRO A 31 -14.66 -15.77 13.26
CA PRO A 31 -13.29 -15.56 13.69
C PRO A 31 -12.59 -16.83 14.15
N TRP A 32 -11.27 -16.88 13.95
CA TRP A 32 -10.42 -17.97 14.46
C TRP A 32 -10.37 -17.85 15.99
N ASP A 33 -10.55 -18.95 16.72
CA ASP A 33 -10.52 -18.99 18.18
C ASP A 33 -9.21 -18.49 18.79
N LYS A 34 -8.08 -18.62 18.11
CA LYS A 34 -6.79 -18.19 18.61
C LYS A 34 -6.39 -16.77 18.20
N ASP A 35 -7.24 -16.06 17.46
CA ASP A 35 -6.89 -14.70 17.01
C ASP A 35 -7.05 -13.69 18.12
N PRO A 36 -6.02 -12.91 18.45
CA PRO A 36 -6.10 -11.91 19.49
C PRO A 36 -6.97 -10.71 19.17
N ALA A 37 -7.31 -10.45 17.92
CA ALA A 37 -8.12 -9.31 17.51
C ALA A 37 -8.70 -9.54 16.12
N PRO A 38 -9.78 -10.31 16.02
CA PRO A 38 -10.39 -10.63 14.73
C PRO A 38 -10.91 -9.40 14.00
N SER A 39 -10.91 -9.47 12.68
CA SER A 39 -11.36 -8.37 11.83
C SER A 39 -12.88 -8.26 11.71
N HIS A 40 -13.39 -7.03 11.87
CA HIS A 40 -14.79 -6.71 11.67
C HIS A 40 -15.22 -6.80 10.22
N GLN A 41 -14.29 -6.92 9.26
CA GLN A 41 -14.58 -6.99 7.84
C GLN A 41 -14.92 -8.38 7.30
N LEU A 42 -14.80 -9.45 8.11
CA LEU A 42 -15.11 -10.81 7.67
C LEU A 42 -16.46 -10.97 7.00
N PRO A 43 -17.56 -10.40 7.47
CA PRO A 43 -18.85 -10.51 6.79
C PRO A 43 -18.81 -9.97 5.36
N GLY A 44 -18.02 -8.94 5.10
CA GLY A 44 -17.85 -8.38 3.75
C GLY A 44 -17.04 -9.29 2.84
N VAL A 45 -16.01 -9.95 3.40
CA VAL A 45 -15.22 -10.93 2.62
C VAL A 45 -16.15 -12.01 2.09
N LEU A 46 -16.99 -12.57 2.97
CA LEU A 46 -18.00 -13.57 2.58
C LEU A 46 -18.93 -13.02 1.49
N ASP A 47 -19.47 -11.82 1.67
CA ASP A 47 -20.41 -11.25 0.71
C ASP A 47 -19.79 -11.00 -0.66
N SER A 48 -18.48 -10.78 -0.75
CA SER A 48 -17.79 -10.56 -2.03
C SER A 48 -17.85 -11.76 -2.96
N ILE A 49 -18.11 -12.96 -2.44
CA ILE A 49 -18.29 -14.15 -3.28
C ILE A 49 -19.59 -14.06 -4.09
N TYR A 50 -20.64 -13.46 -3.51
CA TYR A 50 -22.02 -13.49 -3.99
C TYR A 50 -22.70 -12.18 -4.37
N SER A 51 -22.09 -11.01 -4.13
CA SER A 51 -22.76 -9.70 -4.33
C SER A 51 -23.13 -9.39 -5.76
N PRO A 52 -23.94 -8.36 -5.99
CA PRO A 52 -24.38 -8.00 -7.34
C PRO A 52 -23.24 -7.73 -8.32
N THR A 53 -22.07 -7.30 -7.82
CA THR A 53 -20.89 -7.01 -8.63
C THR A 53 -19.96 -8.19 -8.81
N ARG A 54 -20.32 -9.42 -8.40
CA ARG A 54 -19.53 -10.61 -8.72
C ARG A 54 -19.57 -10.82 -10.24
N ILE A 55 -18.42 -11.06 -10.89
CA ILE A 55 -18.35 -11.24 -12.35
C ILE A 55 -18.78 -12.66 -12.77
N LYS A 56 -19.89 -12.79 -13.53
CA LYS A 56 -20.38 -14.11 -13.88
C LYS A 56 -19.73 -14.78 -15.09
N TYR A 57 -19.50 -13.99 -16.14
CA TYR A 57 -19.09 -14.50 -17.45
C TYR A 57 -17.98 -13.71 -18.14
N PRO A 58 -17.27 -14.32 -19.10
CA PRO A 58 -16.33 -13.59 -19.94
C PRO A 58 -17.09 -12.57 -20.80
N MET A 59 -16.59 -11.34 -20.95
CA MET A 59 -17.23 -10.29 -21.76
C MET A 59 -16.21 -9.54 -22.62
N VAL A 60 -16.62 -9.03 -23.79
CA VAL A 60 -15.77 -8.18 -24.65
C VAL A 60 -16.56 -6.89 -24.93
N ARG A 61 -15.95 -5.71 -24.76
CA ARG A 61 -16.71 -4.47 -25.05
C ARG A 61 -17.07 -4.48 -26.53
N ARG A 62 -18.27 -4.05 -26.92
CA ARG A 62 -18.74 -4.11 -28.29
C ARG A 62 -17.82 -3.53 -29.35
N GLU A 63 -17.29 -2.34 -29.13
CA GLU A 63 -16.38 -1.68 -30.08
C GLU A 63 -15.12 -2.49 -30.32
N PHE A 64 -14.55 -3.14 -29.29
CA PHE A 64 -13.36 -3.96 -29.47
C PHE A 64 -13.70 -5.28 -30.16
N LEU A 65 -14.85 -5.89 -29.85
CA LEU A 65 -15.27 -7.13 -30.50
C LEU A 65 -15.44 -6.90 -32.01
N GLU A 66 -15.96 -5.75 -32.41
CA GLU A 66 -16.15 -5.44 -33.82
C GLU A 66 -14.94 -4.90 -34.56
N LYS A 67 -14.11 -4.06 -33.92
CA LYS A 67 -13.01 -3.38 -34.60
C LYS A 67 -11.60 -3.63 -34.09
N GLY A 68 -11.44 -4.26 -32.91
CA GLY A 68 -10.12 -4.53 -32.37
C GLY A 68 -9.25 -3.30 -32.19
N VAL A 69 -8.04 -3.32 -32.74
CA VAL A 69 -7.08 -2.22 -32.67
C VAL A 69 -7.62 -0.94 -33.29
N ASN A 70 -8.59 -1.02 -34.20
CA ASN A 70 -9.18 0.12 -34.88
C ASN A 70 -10.39 0.73 -34.17
N ALA A 71 -10.70 0.28 -32.95
CA ALA A 71 -11.80 0.83 -32.17
C ALA A 71 -11.59 2.29 -31.75
N ASP A 72 -12.69 3.03 -31.59
CA ASP A 72 -12.65 4.37 -30.99
C ASP A 72 -12.26 4.11 -29.51
N ARG A 73 -11.05 4.47 -29.10
CA ARG A 73 -10.53 4.22 -27.77
C ARG A 73 -11.19 5.04 -26.66
N SER A 74 -11.82 6.17 -27.02
CA SER A 74 -12.46 7.04 -26.05
C SER A 74 -13.70 6.46 -25.41
N THR A 75 -14.31 5.41 -25.96
CA THR A 75 -15.52 4.82 -25.40
C THR A 75 -15.28 3.73 -24.37
N ARG A 76 -14.03 3.43 -24.00
CA ARG A 76 -13.81 2.49 -22.88
C ARG A 76 -14.51 3.05 -21.64
N GLY A 77 -15.20 2.19 -20.89
CA GLY A 77 -15.94 2.61 -19.70
C GLY A 77 -17.36 3.07 -19.92
N ASN A 78 -17.91 2.97 -21.13
CA ASN A 78 -19.29 3.43 -21.37
C ASN A 78 -20.38 2.41 -21.11
N GLY A 79 -20.06 1.21 -20.64
CA GLY A 79 -21.02 0.18 -20.32
C GLY A 79 -21.48 -0.75 -21.41
N ASP A 80 -21.00 -0.64 -22.63
CA ASP A 80 -21.50 -1.49 -23.72
C ASP A 80 -20.71 -2.79 -23.86
N PHE A 81 -21.03 -3.80 -23.07
CA PHE A 81 -20.37 -5.09 -23.07
C PHE A 81 -21.21 -6.19 -23.72
N VAL A 82 -20.55 -7.15 -24.34
CA VAL A 82 -21.16 -8.31 -24.99
C VAL A 82 -20.67 -9.60 -24.32
N ARG A 83 -21.58 -10.45 -23.87
CA ARG A 83 -21.21 -11.74 -23.28
C ARG A 83 -20.67 -12.66 -24.37
N VAL A 84 -19.56 -13.36 -24.14
CA VAL A 84 -18.98 -14.31 -25.09
C VAL A 84 -18.69 -15.63 -24.38
N THR A 85 -18.41 -16.70 -25.12
CA THR A 85 -18.03 -17.98 -24.51
C THR A 85 -16.56 -17.90 -24.05
N TRP A 86 -16.14 -18.81 -23.15
CA TRP A 86 -14.75 -18.87 -22.75
C TRP A 86 -13.83 -19.10 -23.96
N ASP A 87 -14.25 -20.01 -24.87
CA ASP A 87 -13.42 -20.26 -26.04
C ASP A 87 -13.18 -19.01 -26.87
N GLU A 88 -14.22 -18.22 -27.14
CA GLU A 88 -14.06 -16.98 -27.90
C GLU A 88 -13.12 -16.00 -27.17
N ALA A 89 -13.28 -15.86 -25.85
CA ALA A 89 -12.43 -14.93 -25.09
C ALA A 89 -10.97 -15.35 -25.02
N LEU A 90 -10.72 -16.64 -24.72
CA LEU A 90 -9.34 -17.14 -24.67
C LEU A 90 -8.65 -17.08 -26.03
N ASP A 91 -9.35 -17.39 -27.13
CA ASP A 91 -8.76 -17.28 -28.45
C ASP A 91 -8.37 -15.84 -28.78
N LEU A 92 -9.21 -14.87 -28.42
CA LEU A 92 -8.93 -13.46 -28.69
C LEU A 92 -7.70 -13.00 -27.90
N VAL A 93 -7.66 -13.36 -26.62
CA VAL A 93 -6.50 -12.98 -25.78
C VAL A 93 -5.21 -13.59 -26.33
N ALA A 94 -5.22 -14.89 -26.68
CA ALA A 94 -4.01 -15.52 -27.23
C ALA A 94 -3.58 -14.88 -28.55
N ARG A 95 -4.55 -14.58 -29.43
CA ARG A 95 -4.23 -13.93 -30.71
C ARG A 95 -3.58 -12.57 -30.48
N GLU A 96 -4.06 -11.78 -29.52
CA GLU A 96 -3.52 -10.46 -29.21
C GLU A 96 -2.14 -10.52 -28.59
N LEU A 97 -1.92 -11.48 -27.66
CA LEU A 97 -0.60 -11.64 -27.06
C LEU A 97 0.44 -11.98 -28.13
N LYS A 98 0.10 -12.89 -29.04
CA LYS A 98 0.99 -13.29 -30.14
C LYS A 98 1.24 -12.16 -31.14
N ARG A 99 0.21 -11.40 -31.49
CA ARG A 99 0.34 -10.29 -32.43
C ARG A 99 1.33 -9.23 -31.92
N VAL A 100 1.16 -8.82 -30.66
CA VAL A 100 2.03 -7.80 -30.07
C VAL A 100 3.46 -8.29 -29.95
N GLN A 101 3.70 -9.56 -29.61
CA GLN A 101 5.06 -10.10 -29.53
C GLN A 101 5.72 -10.09 -30.91
N GLU A 102 5.03 -10.55 -31.95
CA GLU A 102 5.57 -10.58 -33.30
C GLU A 102 5.83 -9.20 -33.87
N SER A 103 4.92 -8.24 -33.66
CA SER A 103 5.10 -6.89 -34.18
C SER A 103 6.07 -6.00 -33.43
N TYR A 104 6.10 -6.09 -32.11
CA TYR A 104 6.89 -5.18 -31.28
C TYR A 104 7.94 -5.79 -30.37
N GLY A 105 7.96 -7.10 -30.14
CA GLY A 105 8.94 -7.67 -29.19
C GLY A 105 8.40 -7.51 -27.76
N PRO A 106 9.20 -7.84 -26.76
CA PRO A 106 8.84 -7.77 -25.36
C PRO A 106 8.46 -6.39 -24.86
N THR A 107 8.99 -5.30 -25.44
CA THR A 107 8.63 -3.97 -24.98
C THR A 107 7.20 -3.58 -25.32
N GLY A 108 6.48 -4.34 -26.14
CA GLY A 108 5.13 -4.04 -26.49
C GLY A 108 4.09 -4.41 -25.43
N THR A 109 4.39 -5.25 -24.45
CA THR A 109 3.49 -5.70 -23.40
C THR A 109 3.89 -5.23 -22.01
N PHE A 110 2.96 -4.61 -21.27
CA PHE A 110 3.18 -4.18 -19.89
C PHE A 110 2.55 -5.21 -18.94
N GLY A 111 3.36 -5.84 -18.13
CA GLY A 111 2.99 -6.88 -17.17
C GLY A 111 3.27 -6.57 -15.71
N GLY A 112 3.42 -5.30 -15.35
CA GLY A 112 3.65 -4.91 -13.94
C GLY A 112 2.48 -5.32 -13.06
N SER A 113 1.25 -5.08 -13.52
CA SER A 113 0.02 -5.49 -12.84
C SER A 113 0.01 -5.29 -11.34
N TYR A 114 0.37 -4.08 -10.84
CA TYR A 114 0.41 -3.88 -9.39
C TYR A 114 -0.95 -4.11 -8.71
N GLY A 115 -0.93 -4.76 -7.54
CA GLY A 115 -2.14 -4.89 -6.74
C GLY A 115 -2.06 -5.93 -5.64
N TRP A 116 -2.97 -5.80 -4.63
CA TRP A 116 -2.99 -6.66 -3.46
C TRP A 116 -3.51 -8.07 -3.65
N LYS A 117 -4.22 -8.41 -4.73
CA LYS A 117 -4.65 -9.80 -4.98
C LYS A 117 -5.15 -10.46 -3.70
N SER A 118 -4.82 -11.73 -3.47
CA SER A 118 -5.12 -12.56 -2.30
C SER A 118 -3.84 -13.32 -1.91
N PRO A 119 -3.66 -13.74 -0.66
CA PRO A 119 -2.53 -14.57 -0.26
C PRO A 119 -2.63 -15.96 -0.88
N GLY A 120 -1.57 -16.77 -0.76
CA GLY A 120 -1.50 -18.12 -1.31
C GLY A 120 -0.20 -18.34 -2.09
N ARG A 121 0.47 -19.47 -1.86
CA ARG A 121 1.72 -19.82 -2.57
C ARG A 121 1.50 -20.36 -3.98
N LEU A 122 0.39 -21.04 -4.26
CA LEU A 122 0.08 -21.54 -5.59
C LEU A 122 -0.71 -20.54 -6.44
N HIS A 123 -1.85 -20.08 -5.90
CA HIS A 123 -2.78 -19.22 -6.63
C HIS A 123 -2.45 -17.74 -6.49
N ASN A 124 -1.24 -17.40 -6.97
CA ASN A 124 -0.69 -16.05 -7.00
C ASN A 124 -0.93 -15.53 -8.42
N CYS A 125 -1.99 -14.72 -8.63
CA CYS A 125 -2.39 -14.36 -9.98
C CYS A 125 -1.35 -13.59 -10.78
N GLN A 126 -0.54 -12.77 -10.11
CA GLN A 126 0.51 -11.97 -10.79
C GLN A 126 1.69 -12.82 -11.21
N VAL A 127 2.17 -13.70 -10.33
CA VAL A 127 3.26 -14.62 -10.70
C VAL A 127 2.79 -15.55 -11.82
N LEU A 128 1.55 -16.05 -11.75
CA LEU A 128 1.00 -16.92 -12.81
C LEU A 128 0.88 -16.18 -14.14
N MET A 129 0.46 -14.91 -14.14
CA MET A 129 0.38 -14.09 -15.35
C MET A 129 1.79 -13.95 -15.96
N ARG A 130 2.77 -13.58 -15.13
CA ARG A 130 4.15 -13.42 -15.64
C ARG A 130 4.72 -14.73 -16.16
N ARG A 131 4.36 -15.87 -15.56
CA ARG A 131 4.80 -17.19 -16.03
C ARG A 131 4.33 -17.41 -17.47
N ALA A 132 3.07 -17.07 -17.77
CA ALA A 132 2.53 -17.18 -19.12
C ALA A 132 3.12 -16.15 -20.09
N LEU A 133 3.27 -14.90 -19.66
CA LEU A 133 3.84 -13.86 -20.52
C LEU A 133 5.29 -14.16 -20.89
N ASN A 134 6.08 -14.76 -19.98
CA ASN A 134 7.45 -15.15 -20.30
C ASN A 134 7.45 -16.22 -21.37
N LEU A 135 6.50 -17.17 -21.34
CA LEU A 135 6.39 -18.21 -22.36
C LEU A 135 5.98 -17.60 -23.70
N ALA A 136 5.28 -16.47 -23.75
CA ALA A 136 4.88 -15.78 -24.96
C ALA A 136 6.04 -14.96 -25.55
N GLY A 137 7.08 -14.66 -24.79
CA GLY A 137 8.21 -13.90 -25.28
C GLY A 137 8.73 -12.80 -24.36
N GLY A 138 8.08 -12.49 -23.24
CA GLY A 138 8.55 -11.45 -22.34
C GLY A 138 7.68 -10.21 -22.26
N PHE A 139 8.03 -9.30 -21.35
CA PHE A 139 7.25 -8.10 -21.07
C PHE A 139 8.03 -7.06 -20.27
N VAL A 140 7.46 -5.86 -20.16
CA VAL A 140 7.95 -4.75 -19.35
C VAL A 140 7.38 -4.90 -17.93
N ASN A 141 8.23 -4.93 -16.90
CA ASN A 141 7.78 -5.05 -15.50
C ASN A 141 7.79 -3.68 -14.81
N SER A 142 7.41 -3.66 -13.52
CA SER A 142 7.47 -2.46 -12.69
C SER A 142 8.34 -2.73 -11.46
N SER A 143 8.91 -1.67 -10.90
CA SER A 143 9.73 -1.74 -9.68
C SER A 143 9.07 -0.97 -8.53
N GLY A 144 9.40 -1.35 -7.30
CA GLY A 144 8.83 -0.71 -6.12
C GLY A 144 7.34 -1.00 -5.93
N ASP A 145 6.67 -0.08 -5.25
CA ASP A 145 5.23 -0.23 -4.93
C ASP A 145 4.63 1.15 -4.64
N TYR A 146 3.36 1.21 -4.26
CA TYR A 146 2.70 2.48 -3.92
C TYR A 146 2.81 2.82 -2.43
N SER A 147 3.34 1.91 -1.60
CA SER A 147 3.40 2.03 -0.15
C SER A 147 4.61 2.77 0.43
N THR A 148 5.80 2.44 -0.05
CA THR A 148 7.06 2.99 0.45
C THR A 148 8.02 3.29 -0.70
N ALA A 149 7.51 3.74 -1.85
CA ALA A 149 8.37 3.99 -3.02
C ALA A 149 9.56 4.88 -2.72
N ALA A 150 9.37 5.96 -1.95
CA ALA A 150 10.44 6.87 -1.58
C ALA A 150 11.30 6.33 -0.45
N ALA A 151 10.70 5.93 0.68
CA ALA A 151 11.48 5.40 1.80
C ALA A 151 12.35 4.19 1.44
N GLN A 152 11.88 3.28 0.59
CA GLN A 152 12.65 2.07 0.23
C GLN A 152 13.85 2.37 -0.68
N ILE A 153 13.92 3.55 -1.28
CA ILE A 153 15.04 3.97 -2.13
C ILE A 153 16.01 4.84 -1.31
N ILE A 154 15.56 5.75 -0.44
CA ILE A 154 16.47 6.56 0.38
C ILE A 154 17.10 5.74 1.51
N MET A 155 16.38 4.79 2.13
CA MET A 155 16.95 4.00 3.23
C MET A 155 18.22 3.25 2.87
N PRO A 156 18.33 2.58 1.74
CA PRO A 156 19.59 1.92 1.37
C PRO A 156 20.78 2.87 1.32
N HIS A 157 20.61 4.14 0.92
CA HIS A 157 21.68 5.12 0.91
C HIS A 157 22.05 5.64 2.31
N VAL A 158 21.13 5.54 3.27
CA VAL A 158 21.28 6.09 4.60
C VAL A 158 21.64 5.08 5.68
N MET A 159 20.81 4.04 5.81
CA MET A 159 20.98 2.95 6.76
C MET A 159 21.65 1.72 6.16
N GLY A 160 21.74 1.64 4.82
CA GLY A 160 22.35 0.51 4.15
C GLY A 160 21.46 -0.67 3.86
N THR A 161 20.17 -0.53 4.12
CA THR A 161 19.15 -1.56 3.94
C THR A 161 17.79 -0.97 3.59
N LEU A 162 16.79 -1.69 3.08
CA LEU A 162 15.49 -1.11 2.74
C LEU A 162 14.74 -0.63 3.99
N GLU A 163 14.91 -1.21 5.16
CA GLU A 163 14.42 -0.84 6.46
C GLU A 163 12.91 -0.97 6.73
N VAL A 164 12.06 -0.62 5.76
CA VAL A 164 10.62 -0.62 5.90
C VAL A 164 9.96 -1.98 6.05
N TYR A 165 10.50 -3.04 5.45
CA TYR A 165 9.93 -4.37 5.48
C TYR A 165 10.77 -5.35 6.30
N GLU A 166 11.42 -4.87 7.36
CA GLU A 166 12.29 -5.66 8.22
C GLU A 166 11.75 -5.77 9.64
N GLN A 167 12.08 -6.84 10.37
CA GLN A 167 11.56 -7.05 11.72
C GLN A 167 11.98 -5.92 12.67
N GLN A 168 11.04 -5.54 13.55
CA GLN A 168 11.21 -4.47 14.51
C GLN A 168 11.65 -4.98 15.89
N THR A 169 12.18 -4.11 16.75
CA THR A 169 12.46 -4.51 18.15
C THR A 169 11.18 -5.15 18.70
N ALA A 170 11.30 -6.31 19.33
CA ALA A 170 10.13 -7.07 19.77
C ALA A 170 9.19 -6.33 20.70
N TRP A 171 7.88 -6.54 20.53
CA TRP A 171 6.86 -5.93 21.40
C TRP A 171 7.13 -6.11 22.87
N PRO A 172 7.50 -7.28 23.40
CA PRO A 172 7.79 -7.42 24.84
C PRO A 172 8.94 -6.55 25.30
N VAL A 173 9.96 -6.33 24.46
CA VAL A 173 11.10 -5.46 24.81
C VAL A 173 10.67 -4.00 24.87
N VAL A 174 9.80 -3.55 23.95
CA VAL A 174 9.25 -2.19 23.98
C VAL A 174 8.46 -1.97 25.27
N VAL A 175 7.54 -2.91 25.59
CA VAL A 175 6.72 -2.76 26.80
C VAL A 175 7.57 -2.67 28.07
N GLU A 176 8.61 -3.49 28.20
CA GLU A 176 9.46 -3.47 29.37
C GLU A 176 10.36 -2.27 29.51
N ASN A 177 10.83 -1.68 28.40
CA ASN A 177 11.82 -0.62 28.46
C ASN A 177 11.48 0.77 27.96
N THR A 178 10.54 0.94 27.05
CA THR A 178 10.19 2.28 26.53
C THR A 178 9.47 3.15 27.56
N ASP A 179 9.89 4.41 27.70
CA ASP A 179 9.25 5.39 28.57
C ASP A 179 8.29 6.31 27.80
N LEU A 180 8.51 6.50 26.49
CA LEU A 180 7.68 7.38 25.67
C LEU A 180 7.54 6.78 24.27
N MET A 181 6.31 6.44 23.87
CA MET A 181 6.05 5.89 22.54
C MET A 181 5.46 6.98 21.65
N VAL A 182 6.13 7.31 20.55
CA VAL A 182 5.65 8.35 19.63
C VAL A 182 5.20 7.72 18.31
N PHE A 183 3.89 7.76 18.01
CA PHE A 183 3.37 7.29 16.72
C PHE A 183 3.34 8.52 15.80
N TRP A 184 4.23 8.54 14.80
CA TRP A 184 4.42 9.68 13.90
C TRP A 184 3.80 9.35 12.55
N ALA A 185 2.66 9.97 12.20
CA ALA A 185 1.98 9.68 10.92
C ALA A 185 1.67 8.18 10.82
N ALA A 186 1.07 7.60 11.87
CA ALA A 186 0.75 6.19 11.93
C ALA A 186 -0.52 5.92 12.74
N ASP A 187 -1.34 4.96 12.33
CA ASP A 187 -2.57 4.59 13.06
C ASP A 187 -2.57 3.07 13.19
N PRO A 188 -1.74 2.53 14.09
CA PRO A 188 -1.57 1.08 14.26
C PRO A 188 -2.82 0.32 14.64
N MET A 189 -3.75 0.93 15.40
CA MET A 189 -5.02 0.25 15.73
C MET A 189 -5.85 0.00 14.47
N LYS A 190 -5.77 0.88 13.47
CA LYS A 190 -6.45 0.71 12.20
C LYS A 190 -5.71 -0.22 11.21
N THR A 191 -4.41 0.02 10.98
CA THR A 191 -3.71 -0.65 9.89
C THR A 191 -3.15 -2.02 10.17
N ASN A 192 -3.04 -2.48 11.42
CA ASN A 192 -2.55 -3.85 11.69
C ASN A 192 -3.59 -4.94 11.48
N GLU A 193 -4.82 -4.58 11.05
CA GLU A 193 -5.88 -5.56 10.74
C GLU A 193 -5.55 -6.44 9.54
N ILE A 194 -4.72 -5.91 8.62
CA ILE A 194 -4.33 -6.55 7.37
C ILE A 194 -2.93 -7.13 7.36
N GLY A 195 -2.72 -8.24 6.62
CA GLY A 195 -1.41 -8.79 6.36
C GLY A 195 -1.28 -9.12 4.86
N TRP A 196 -0.06 -9.12 4.32
CA TRP A 196 0.25 -9.53 2.94
C TRP A 196 0.09 -11.04 2.81
N VAL A 197 0.65 -11.80 3.74
CA VAL A 197 0.32 -13.23 3.91
C VAL A 197 -0.89 -13.24 4.86
N ILE A 198 -1.26 -14.31 5.56
CA ILE A 198 -2.42 -14.25 6.48
C ILE A 198 -1.97 -13.56 7.76
N PRO A 199 -2.56 -12.46 8.21
CA PRO A 199 -2.08 -11.76 9.40
C PRO A 199 -2.26 -12.51 10.70
N ASP A 200 -1.34 -12.35 11.66
CA ASP A 200 -1.47 -12.96 12.98
C ASP A 200 -2.09 -12.00 14.01
N HIS A 201 -2.21 -10.71 13.68
CA HIS A 201 -2.74 -9.70 14.58
C HIS A 201 -1.93 -9.57 15.87
N GLY A 202 -0.62 -9.88 15.84
CA GLY A 202 0.25 -9.81 17.01
C GLY A 202 0.48 -8.42 17.56
N ALA A 203 0.33 -7.37 16.73
CA ALA A 203 0.48 -6.01 17.23
C ALA A 203 -0.54 -5.70 18.33
N TYR A 204 -1.74 -6.29 18.24
CA TYR A 204 -2.80 -6.03 19.21
C TYR A 204 -2.45 -6.57 20.59
N ALA A 205 -1.70 -7.68 20.67
CA ALA A 205 -1.23 -8.21 21.95
C ALA A 205 -0.21 -7.25 22.56
N GLY A 206 0.70 -6.72 21.74
CA GLY A 206 1.68 -5.74 22.21
C GLY A 206 1.06 -4.42 22.65
N MET A 207 0.11 -3.87 21.89
CA MET A 207 -0.58 -2.63 22.24
C MET A 207 -1.42 -2.80 23.50
N LYS A 208 -2.02 -3.98 23.73
CA LYS A 208 -2.79 -4.21 24.97
C LYS A 208 -1.84 -4.17 26.17
N ALA A 209 -0.66 -4.79 26.07
CA ALA A 209 0.32 -4.79 27.16
C ALA A 209 0.84 -3.38 27.42
N LEU A 210 1.07 -2.59 26.37
CA LEU A 210 1.52 -1.19 26.50
C LEU A 210 0.48 -0.35 27.21
N LYS A 211 -0.80 -0.52 26.85
CA LYS A 211 -1.90 0.19 27.49
C LYS A 211 -1.98 -0.16 28.98
N GLU A 212 -1.91 -1.44 29.32
CA GLU A 212 -1.99 -1.87 30.73
C GLU A 212 -0.87 -1.32 31.58
N LYS A 213 0.34 -1.17 31.02
CA LYS A 213 1.46 -0.60 31.76
C LYS A 213 1.30 0.87 32.02
N GLY A 214 0.54 1.59 31.19
CA GLY A 214 0.32 3.01 31.36
C GLY A 214 1.33 3.95 30.74
N THR A 215 2.25 3.43 29.93
CA THR A 215 3.28 4.26 29.28
C THR A 215 2.71 5.39 28.46
N ARG A 216 3.32 6.57 28.56
CA ARG A 216 2.88 7.74 27.80
C ARG A 216 3.01 7.52 26.28
N VAL A 217 1.96 7.88 25.54
CA VAL A 217 1.89 7.82 24.10
C VAL A 217 1.56 9.20 23.52
N ILE A 218 2.23 9.59 22.44
CA ILE A 218 1.97 10.84 21.70
C ILE A 218 1.67 10.50 20.23
N ILE A 220 1.44 12.23 16.51
CA ILE A 220 1.70 13.40 15.65
C ILE A 220 0.95 13.11 14.34
N ASN A 221 -0.22 13.74 14.19
CA ASN A 221 -1.18 13.41 13.12
C ASN A 221 -2.23 14.50 12.99
N PRO A 222 -2.75 14.79 11.80
CA PRO A 222 -3.83 15.76 11.62
C PRO A 222 -5.19 15.26 12.12
N VAL A 223 -5.35 13.96 12.38
CA VAL A 223 -6.57 13.35 12.86
C VAL A 223 -6.40 12.65 14.21
N ARG A 224 -7.38 12.82 15.12
CA ARG A 224 -7.46 12.08 16.39
C ARG A 224 -8.09 10.72 16.03
N THR A 225 -7.28 9.67 16.01
CA THR A 225 -7.68 8.35 15.54
C THR A 225 -8.11 7.36 16.62
N GLU A 226 -8.42 6.12 16.21
CA GLU A 226 -8.73 5.05 17.17
C GLU A 226 -7.50 4.73 18.01
N THR A 227 -6.28 4.93 17.49
CA THR A 227 -5.06 4.73 18.29
C THR A 227 -5.03 5.73 19.44
N ALA A 228 -5.29 7.03 19.17
CA ALA A 228 -5.30 8.04 20.24
C ALA A 228 -6.38 7.73 21.28
N ASP A 229 -7.58 7.34 20.82
CA ASP A 229 -8.65 7.02 21.77
C ASP A 229 -8.31 5.83 22.65
N TYR A 230 -7.71 4.79 22.11
CA TYR A 230 -7.35 3.59 22.87
C TYR A 230 -6.36 3.87 23.98
N PHE A 231 -5.33 4.66 23.68
CA PHE A 231 -4.27 4.97 24.62
C PHE A 231 -4.44 6.23 25.46
N GLY A 232 -5.43 7.06 25.16
CA GLY A 232 -5.58 8.36 25.84
C GLY A 232 -4.36 9.21 25.47
N ALA A 233 -3.94 9.15 24.19
CA ALA A 233 -2.75 9.87 23.77
C ALA A 233 -2.88 11.38 23.61
N ASP A 234 -1.76 12.09 23.75
CA ASP A 234 -1.72 13.51 23.42
C ASP A 234 -1.69 13.59 21.88
N VAL A 235 -2.51 14.40 21.25
CA VAL A 235 -2.54 14.54 19.79
C VAL A 235 -1.96 15.90 19.40
N VAL A 236 -0.90 15.89 18.60
CA VAL A 236 -0.19 17.07 18.11
C VAL A 236 -0.43 17.13 16.60
N SER A 237 -1.04 18.20 16.09
CA SER A 237 -1.43 18.28 14.69
C SER A 237 -0.78 19.36 13.85
N PRO A 238 0.38 19.10 13.26
CA PRO A 238 1.02 20.02 12.33
C PRO A 238 0.21 20.08 11.04
N ARG A 239 0.33 21.15 10.24
CA ARG A 239 -0.33 21.17 8.92
C ARG A 239 0.22 19.99 8.11
N PRO A 240 -0.60 19.24 7.41
CA PRO A 240 -0.08 18.12 6.60
C PRO A 240 1.01 18.61 5.65
N GLN A 241 2.06 17.80 5.44
CA GLN A 241 3.20 18.09 4.58
C GLN A 241 4.22 19.04 5.20
N THR A 242 4.19 19.28 6.53
CA THR A 242 5.14 20.17 7.19
C THR A 242 5.97 19.45 8.27
N ASP A 243 5.90 18.11 8.34
CA ASP A 243 6.65 17.33 9.31
C ASP A 243 8.16 17.51 9.25
N VAL A 244 8.77 17.66 8.09
CA VAL A 244 10.23 17.87 7.97
C VAL A 244 10.63 19.19 8.64
N ALA A 245 9.82 20.24 8.47
CA ALA A 245 10.10 21.54 9.12
C ALA A 245 9.98 21.39 10.65
N LEU A 246 8.96 20.68 11.13
CA LEU A 246 8.79 20.40 12.57
C LEU A 246 10.02 19.68 13.12
N MET A 247 10.48 18.61 12.43
CA MET A 247 11.67 17.86 12.85
C MET A 247 12.92 18.73 12.92
N LEU A 248 13.10 19.64 11.95
CA LEU A 248 14.24 20.57 11.91
C LEU A 248 14.21 21.51 13.11
N GLY A 249 13.02 22.04 13.47
CA GLY A 249 12.90 22.92 14.64
C GLY A 249 13.25 22.17 15.93
N MET A 250 12.85 20.89 16.00
CA MET A 250 13.18 20.04 17.16
C MET A 250 14.70 19.80 17.22
N ALA A 251 15.32 19.49 16.09
CA ALA A 251 16.76 19.26 16.01
C ALA A 251 17.56 20.51 16.38
N HIS A 252 17.11 21.68 15.94
CA HIS A 252 17.76 22.95 16.28
C HIS A 252 17.72 23.18 17.79
N THR A 253 16.59 22.89 18.42
CA THR A 253 16.45 23.02 19.88
C THR A 253 17.45 22.12 20.61
N LEU A 254 17.54 20.84 20.21
CA LEU A 254 18.49 19.93 20.84
C LEU A 254 19.93 20.43 20.68
N TYR A 255 20.32 20.85 19.48
CA TYR A 255 21.67 21.35 19.22
C TYR A 255 22.01 22.62 19.99
N SER A 256 21.13 23.61 19.93
CA SER A 256 21.36 24.89 20.62
C SER A 256 21.38 24.77 22.13
N GLU A 257 20.71 23.80 22.71
CA GLU A 257 20.66 23.58 24.15
C GLU A 257 21.66 22.53 24.62
N ASP A 258 22.51 22.02 23.73
CA ASP A 258 23.52 21.01 24.02
C ASP A 258 22.95 19.72 24.60
N LEU A 259 21.83 19.27 24.02
CA LEU A 259 21.13 18.07 24.43
C LEU A 259 21.33 16.87 23.48
N HIS A 260 22.00 17.08 22.36
CA HIS A 260 22.26 16.03 21.37
C HIS A 260 23.37 15.10 21.85
N ASP A 261 23.38 13.87 21.32
CA ASP A 261 24.35 12.84 21.73
C ASP A 261 25.60 12.89 20.87
N LYS A 262 26.62 13.63 21.32
CA LYS A 262 27.86 13.78 20.58
C LYS A 262 28.60 12.47 20.38
N ASP A 263 28.57 11.58 21.35
CA ASP A 263 29.25 10.28 21.26
C ASP A 263 28.61 9.40 20.19
N PHE A 264 27.27 9.29 20.16
CA PHE A 264 26.60 8.50 19.13
C PHE A 264 26.89 9.08 17.75
N LEU A 265 26.80 10.41 17.60
CA LEU A 265 27.05 11.05 16.31
C LEU A 265 28.46 10.77 15.81
N GLU A 266 29.47 10.88 16.68
CA GLU A 266 30.85 10.63 16.30
C GLU A 266 31.14 9.17 15.93
N ASN A 267 30.61 8.22 16.69
CA ASN A 267 30.88 6.81 16.49
C ASN A 267 30.04 6.07 15.46
N CYS A 268 28.82 6.54 15.19
CA CYS A 268 27.87 5.82 14.34
C CYS A 268 27.33 6.53 13.12
N THR A 269 27.74 7.77 12.82
CA THR A 269 27.25 8.55 11.70
C THR A 269 28.35 9.26 10.91
N THR A 270 28.04 9.70 9.68
CA THR A 270 28.91 10.51 8.85
C THR A 270 28.13 11.71 8.29
N GLY A 271 28.75 12.89 8.25
CA GLY A 271 28.13 14.11 7.75
C GLY A 271 27.44 15.04 8.71
N PHE A 272 27.52 14.83 10.03
CA PHE A 272 26.83 15.71 10.98
C PHE A 272 27.33 17.14 10.93
N ASP A 273 28.62 17.39 10.74
CA ASP A 273 29.12 18.77 10.68
C ASP A 273 28.50 19.55 9.53
N LEU A 274 28.38 18.97 8.35
CA LEU A 274 27.77 19.60 7.19
C LEU A 274 26.29 19.87 7.47
N PHE A 275 25.58 18.90 8.07
CA PHE A 275 24.17 19.07 8.42
C PHE A 275 23.98 20.18 9.45
N ALA A 276 24.85 20.28 10.45
CA ALA A 276 24.78 21.31 11.47
C ALA A 276 24.94 22.71 10.90
N ALA A 277 25.78 22.87 9.86
CA ALA A 277 25.96 24.17 9.21
C ALA A 277 24.67 24.61 8.52
N TYR A 278 23.86 23.66 8.04
CA TYR A 278 22.55 23.95 7.46
C TYR A 278 21.55 24.29 8.55
N LEU A 279 21.55 23.52 9.64
CA LEU A 279 20.67 23.69 10.78
C LEU A 279 20.79 25.07 11.42
N THR A 280 22.01 25.59 11.55
CA THR A 280 22.27 26.89 12.16
C THR A 280 22.15 28.05 11.18
N GLY A 281 22.03 27.77 9.88
CA GLY A 281 21.94 28.82 8.87
C GLY A 281 23.28 29.34 8.40
N GLU A 282 24.38 28.75 8.82
CA GLU A 282 25.71 29.17 8.38
C GLU A 282 25.87 28.96 6.88
N SER A 283 25.33 27.86 6.34
CA SER A 283 25.47 27.57 4.92
C SER A 283 24.50 28.27 3.98
N ASP A 284 23.32 28.68 4.42
CA ASP A 284 22.33 29.28 3.53
C ASP A 284 21.71 30.59 4.00
N GLY A 285 22.08 31.07 5.17
CA GLY A 285 21.58 32.32 5.72
C GLY A 285 20.28 32.24 6.49
N THR A 286 19.73 31.05 6.70
CA THR A 286 18.47 30.87 7.41
C THR A 286 18.51 29.88 8.55
N PRO A 287 18.65 30.37 9.78
CA PRO A 287 18.66 29.50 10.96
C PRO A 287 17.34 28.74 11.08
N LYS A 288 17.34 27.42 11.27
CA LYS A 288 16.13 26.59 11.34
C LYS A 288 15.58 26.47 12.76
N THR A 289 15.30 27.61 13.36
CA THR A 289 14.83 27.70 14.74
C THR A 289 13.42 27.18 14.94
N ALA A 290 13.02 27.00 16.22
CA ALA A 290 11.65 26.60 16.53
C ALA A 290 10.66 27.65 16.00
N GLU A 291 11.00 28.94 16.03
CA GLU A 291 10.14 29.98 15.48
C GLU A 291 10.01 29.88 13.96
N TRP A 292 11.12 29.62 13.26
CA TRP A 292 11.09 29.40 11.81
C TRP A 292 10.14 28.24 11.49
N ALA A 293 10.25 27.14 12.25
CA ALA A 293 9.43 25.95 12.07
C ALA A 293 7.95 26.22 12.41
N ALA A 294 7.66 26.98 13.46
CA ALA A 294 6.31 27.33 13.88
C ALA A 294 5.53 28.03 12.78
N GLU A 295 6.18 28.95 12.07
CA GLU A 295 5.55 29.69 10.97
C GLU A 295 5.11 28.76 9.85
N ILE A 296 5.87 27.70 9.57
CA ILE A 296 5.54 26.74 8.53
C ILE A 296 4.51 25.71 8.98
N CYS A 297 4.70 25.09 10.14
CA CYS A 297 3.83 23.99 10.58
C CYS A 297 2.57 24.36 11.35
N GLY A 298 2.49 25.58 11.88
CA GLY A 298 1.31 26.03 12.60
C GLY A 298 1.23 25.74 14.07
N LEU A 299 2.24 25.12 14.68
CA LEU A 299 2.24 24.85 16.12
C LEU A 299 3.03 25.93 16.85
N PRO A 300 2.70 26.24 18.09
CA PRO A 300 3.42 27.24 18.88
C PRO A 300 4.89 26.84 19.03
N ALA A 301 5.81 27.79 18.96
CA ALA A 301 7.24 27.53 19.09
C ALA A 301 7.61 26.83 20.40
N GLU A 302 7.03 27.22 21.54
CA GLU A 302 7.34 26.57 22.81
C GLU A 302 6.90 25.11 22.85
N GLN A 303 5.82 24.75 22.14
CA GLN A 303 5.38 23.36 22.09
C GLN A 303 6.43 22.52 21.36
N ILE A 304 6.98 23.06 20.27
CA ILE A 304 8.03 22.41 19.49
C ILE A 304 9.27 22.17 20.37
N ARG A 305 9.69 23.18 21.15
CA ARG A 305 10.83 23.02 22.05
C ARG A 305 10.57 21.99 23.15
N GLU A 306 9.38 22.01 23.76
CA GLU A 306 9.03 21.07 24.82
C GLU A 306 9.00 19.63 24.33
N LEU A 307 8.49 19.38 23.11
CA LEU A 307 8.48 18.03 22.55
C LEU A 307 9.91 17.52 22.40
N ALA A 308 10.80 18.32 21.82
CA ALA A 308 12.21 17.94 21.64
C ALA A 308 12.86 17.58 22.96
N ARG A 309 12.68 18.41 23.99
CA ARG A 309 13.24 18.14 25.31
C ARG A 309 12.70 16.84 25.90
N SER A 310 11.41 16.55 25.70
CA SER A 310 10.82 15.31 26.22
C SER A 310 11.39 14.06 25.57
N PHE A 311 11.81 14.12 24.31
CA PHE A 311 12.37 12.96 23.62
C PHE A 311 13.72 12.50 24.19
N VAL A 312 14.49 13.38 24.83
CA VAL A 312 15.78 13.00 25.42
C VAL A 312 15.69 12.81 26.92
N ALA A 313 14.52 12.97 27.53
CA ALA A 313 14.36 12.82 28.97
C ALA A 313 14.32 11.39 29.46
N GLY A 314 13.96 10.45 28.62
CA GLY A 314 13.88 9.02 28.95
C GLY A 314 14.04 8.20 27.65
N ARG A 315 13.70 6.91 27.72
CA ARG A 315 13.84 5.99 26.58
C ARG A 315 12.67 6.20 25.63
N THR A 316 12.98 6.65 24.42
CA THR A 316 11.97 7.02 23.44
C THR A 316 12.01 6.20 22.15
N MET A 317 10.85 5.75 21.68
CA MET A 317 10.72 5.05 20.40
C MET A 317 9.94 5.93 19.40
N LEU A 318 10.53 6.21 18.23
CA LEU A 318 9.87 6.96 17.17
C LEU A 318 9.33 5.94 16.15
N ALA A 319 8.04 5.60 16.25
CA ALA A 319 7.35 4.62 15.39
C ALA A 319 6.62 5.38 14.28
N ALA A 320 7.22 5.46 13.09
CA ALA A 320 6.67 6.23 11.99
C ALA A 320 6.00 5.41 10.90
N GLY A 321 4.87 5.94 10.41
CA GLY A 321 4.09 5.42 9.30
C GLY A 321 4.56 5.98 7.95
N TRP A 322 3.78 5.72 6.89
CA TRP A 322 4.22 5.94 5.51
C TRP A 322 3.49 6.99 4.69
N SER A 323 2.41 7.57 5.21
CA SER A 323 1.69 8.62 4.49
C SER A 323 2.60 9.80 4.14
N ILE A 324 3.49 10.19 5.05
CA ILE A 324 4.38 11.35 4.88
C ILE A 324 5.44 11.18 3.80
N GLN A 325 5.69 9.95 3.33
CA GLN A 325 6.60 9.74 2.20
C GLN A 325 5.84 9.49 0.90
N ARG A 326 4.49 9.43 0.94
CA ARG A 326 3.62 9.22 -0.24
C ARG A 326 3.14 10.60 -0.71
N MET A 327 4.10 11.53 -0.87
CA MET A 327 3.96 12.97 -1.06
C MET A 327 5.16 13.58 -1.77
N HIS A 328 5.02 14.79 -2.33
CA HIS A 328 6.13 15.48 -3.01
C HIS A 328 7.32 15.59 -2.05
N HIS A 329 8.53 15.28 -2.54
CA HIS A 329 9.76 15.25 -1.76
C HIS A 329 9.69 14.26 -0.61
N GLY A 330 9.01 13.12 -0.82
CA GLY A 330 8.80 12.11 0.20
C GLY A 330 10.05 11.50 0.79
N GLU A 331 11.15 11.45 0.05
CA GLU A 331 12.42 10.92 0.53
C GLU A 331 12.93 11.66 1.77
N GLN A 332 12.62 12.96 1.90
CA GLN A 332 13.11 13.75 3.02
C GLN A 332 12.49 13.36 4.36
N ALA A 333 11.27 12.81 4.38
CA ALA A 333 10.60 12.50 5.64
C ALA A 333 11.32 11.52 6.55
N HIS A 334 11.63 10.32 6.04
CA HIS A 334 12.29 9.31 6.89
C HIS A 334 13.78 9.57 6.97
N TRP A 335 14.40 10.26 6.02
CA TRP A 335 15.83 10.65 6.14
C TRP A 335 15.96 11.61 7.32
N MET A 336 15.07 12.60 7.44
CA MET A 336 15.11 13.53 8.57
C MET A 336 14.73 12.82 9.86
N LEU A 337 13.80 11.85 9.84
CA LEU A 337 13.46 11.13 11.05
C LEU A 337 14.69 10.39 11.60
N VAL A 338 15.46 9.71 10.74
CA VAL A 338 16.67 8.98 11.18
C VAL A 338 17.71 9.96 11.71
N THR A 339 17.83 11.14 11.11
CA THR A 339 18.78 12.17 11.58
C THR A 339 18.39 12.66 12.97
N LEU A 340 17.09 12.90 13.22
CA LEU A 340 16.59 13.28 14.54
C LEU A 340 16.85 12.15 15.56
N ALA A 341 16.57 10.89 15.16
CA ALA A 341 16.84 9.74 16.04
C ALA A 341 18.34 9.63 16.37
N SER A 342 19.22 9.94 15.43
CA SER A 342 20.67 9.91 15.67
C SER A 342 21.09 10.97 16.69
N MET A 343 20.51 12.17 16.64
CA MET A 343 20.80 13.24 17.60
C MET A 343 20.27 12.86 18.99
N ILE A 344 19.12 12.18 19.07
CA ILE A 344 18.59 11.68 20.34
C ILE A 344 19.58 10.65 20.91
N GLY A 345 20.15 9.78 20.06
CA GLY A 345 21.22 8.86 20.40
C GLY A 345 20.89 7.49 20.95
N GLN A 346 19.64 7.03 20.82
CA GLN A 346 19.21 5.77 21.39
C GLN A 346 19.03 4.60 20.43
N ILE A 347 19.44 4.74 19.17
CA ILE A 347 19.40 3.67 18.17
C ILE A 347 20.22 2.48 18.68
N GLY A 348 19.58 1.29 18.73
CA GLY A 348 20.22 0.08 19.20
C GLY A 348 20.01 -0.24 20.68
N LEU A 349 19.42 0.65 21.47
CA LEU A 349 19.10 0.37 22.88
C LEU A 349 17.74 -0.31 22.97
N PRO A 350 17.51 -1.17 23.95
CA PRO A 350 16.22 -1.82 24.15
C PRO A 350 15.10 -0.79 24.26
N GLY A 351 14.11 -0.81 23.36
CA GLY A 351 13.00 0.12 23.38
C GLY A 351 13.28 1.53 22.89
N GLY A 352 14.48 1.80 22.37
CA GLY A 352 14.84 3.12 21.87
C GLY A 352 15.07 3.14 20.36
N GLY A 353 15.23 4.34 19.83
CA GLY A 353 15.52 4.52 18.40
C GLY A 353 14.29 4.83 17.55
N PHE A 354 14.14 4.12 16.44
CA PHE A 354 13.03 4.29 15.52
C PHE A 354 12.58 2.94 14.97
N GLY A 355 11.36 2.92 14.41
CA GLY A 355 10.81 1.71 13.79
C GLY A 355 9.86 2.11 12.65
N LEU A 356 10.05 1.53 11.46
CA LEU A 356 9.22 1.86 10.30
C LEU A 356 8.18 0.80 9.93
N SER A 357 7.89 -0.17 10.82
CA SER A 357 6.87 -1.18 10.50
C SER A 357 6.03 -1.61 11.72
N TYR A 358 5.86 -0.77 12.77
CA TYR A 358 4.97 -1.12 13.88
C TYR A 358 3.49 -0.99 13.49
N HIS A 359 3.17 -0.30 12.39
CA HIS A 359 1.83 -0.09 11.88
C HIS A 359 1.45 -0.99 10.70
N TYR A 360 2.41 -1.76 10.16
CA TYR A 360 2.20 -2.58 8.98
C TYR A 360 2.48 -4.06 9.25
N SER A 361 1.47 -4.89 8.96
CA SER A 361 1.53 -6.34 9.06
C SER A 361 2.12 -6.88 10.34
N ASN A 362 1.79 -6.24 11.48
CA ASN A 362 2.17 -6.72 12.80
C ASN A 362 3.66 -6.86 13.02
N GLY A 363 4.43 -5.85 12.57
CA GLY A 363 5.87 -5.80 12.84
C GLY A 363 6.09 -5.74 14.36
N GLY A 364 7.09 -6.45 14.88
CA GLY A 364 7.34 -6.51 16.31
C GLY A 364 6.74 -7.76 16.95
N SER A 365 5.85 -8.48 16.27
CA SER A 365 5.33 -9.76 16.80
C SER A 365 6.52 -10.74 16.70
N PRO A 366 7.01 -11.30 17.79
CA PRO A 366 8.22 -12.12 17.80
C PRO A 366 8.33 -13.22 16.76
N THR A 367 9.49 -13.31 16.08
CA THR A 367 9.73 -14.34 15.05
C THR A 367 9.93 -15.73 15.62
N SER A 368 9.19 -16.70 15.09
CA SER A 368 9.29 -18.09 15.49
C SER A 368 10.56 -18.76 14.95
N ASP A 369 10.75 -20.03 15.34
CA ASP A 369 11.86 -20.86 14.87
C ASP A 369 11.46 -21.71 13.66
N GLY A 370 10.31 -21.48 13.02
CA GLY A 370 9.86 -22.29 11.89
C GLY A 370 10.57 -22.05 10.57
N PRO A 371 10.32 -22.91 9.59
CA PRO A 371 10.91 -22.82 8.26
C PRO A 371 10.16 -21.84 7.36
N ALA A 372 10.78 -21.46 6.26
CA ALA A 372 10.18 -20.61 5.24
C ALA A 372 9.43 -21.51 4.27
N LEU A 373 8.37 -20.94 3.72
CA LEU A 373 7.52 -21.60 2.75
C LEU A 373 7.64 -20.88 1.41
N GLY A 374 8.00 -21.60 0.37
CA GLY A 374 8.10 -21.12 -0.99
C GLY A 374 6.83 -21.41 -1.81
N GLY A 375 6.81 -20.95 -3.06
CA GLY A 375 5.70 -21.07 -3.96
C GLY A 375 6.09 -21.14 -5.43
N ILE A 376 5.07 -21.01 -6.30
CA ILE A 376 5.33 -21.13 -7.75
C ILE A 376 6.11 -19.91 -8.23
N SER A 377 6.94 -20.09 -9.26
CA SER A 377 7.78 -19.02 -9.81
C SER A 377 7.29 -18.55 -11.16
N ASP A 378 7.80 -17.40 -11.61
CA ASP A 378 7.36 -16.84 -12.90
C ASP A 378 8.17 -17.30 -14.09
N GLY A 379 9.17 -18.16 -13.91
CA GLY A 379 10.01 -18.61 -15.02
C GLY A 379 10.79 -17.45 -15.65
N GLY A 380 11.14 -16.43 -14.87
CA GLY A 380 11.87 -15.28 -15.39
C GLY A 380 13.30 -15.73 -15.73
N GLU A 384 3.17 -10.59 -4.92
CA GLU A 384 3.56 -12.02 -4.81
C GLU A 384 3.80 -12.47 -3.36
N GLY A 385 4.90 -11.97 -2.84
CA GLY A 385 5.47 -12.09 -1.57
C GLY A 385 5.77 -13.37 -0.88
N GLY A 393 14.30 0.77 -25.18
CA GLY A 393 13.54 1.25 -24.00
C GLY A 393 13.79 0.35 -22.80
N ALA A 394 13.62 0.90 -21.60
CA ALA A 394 13.80 0.18 -20.36
C ALA A 394 12.89 -1.03 -20.26
N THR A 395 13.38 -2.07 -19.57
CA THR A 395 12.62 -3.29 -19.37
C THR A 395 11.81 -3.28 -18.08
N SER A 396 11.89 -2.19 -17.32
CA SER A 396 11.15 -1.95 -16.08
C SER A 396 11.01 -0.45 -15.82
N ILE A 397 9.91 -0.02 -15.21
CA ILE A 397 9.70 1.37 -14.79
C ILE A 397 9.25 1.41 -13.33
N PRO A 398 9.56 2.48 -12.58
CA PRO A 398 8.99 2.67 -11.23
C PRO A 398 7.47 2.60 -11.43
N CYS A 399 6.72 1.84 -10.61
CA CYS A 399 5.31 1.62 -10.85
C CYS A 399 4.41 2.81 -11.12
N ALA A 400 4.56 3.91 -10.36
CA ALA A 400 3.71 5.09 -10.52
C ALA A 400 4.03 5.95 -11.73
N ARG A 401 5.01 5.59 -12.56
CA ARG A 401 5.33 6.27 -13.81
C ARG A 401 4.54 5.67 -14.98
N VAL A 402 3.54 4.81 -14.74
CA VAL A 402 2.78 4.16 -15.82
C VAL A 402 2.12 5.13 -16.79
N VAL A 403 1.48 6.23 -16.33
CA VAL A 403 0.86 7.20 -17.24
C VAL A 403 1.92 8.04 -17.96
N ASP A 404 2.97 8.50 -17.25
CA ASP A 404 4.06 9.22 -17.91
C ASP A 404 4.64 8.38 -19.05
N MET A 405 4.81 7.07 -18.86
CA MET A 405 5.31 6.16 -19.89
C MET A 405 4.41 6.15 -21.13
N LEU A 406 3.10 6.03 -20.94
CA LEU A 406 2.16 6.00 -22.06
C LEU A 406 2.17 7.31 -22.85
N LEU A 407 2.33 8.45 -22.17
CA LEU A 407 2.32 9.76 -22.82
C LEU A 407 3.66 10.13 -23.44
N ASN A 408 4.76 9.44 -23.11
CA ASN A 408 6.10 9.76 -23.62
C ASN A 408 6.94 8.58 -24.07
N PRO A 409 6.47 7.81 -25.04
CA PRO A 409 7.20 6.67 -25.59
C PRO A 409 8.56 7.12 -26.12
N GLY A 410 9.66 6.50 -25.69
CA GLY A 410 11.00 6.89 -26.12
C GLY A 410 11.61 8.07 -25.40
N GLY A 411 10.88 8.72 -24.49
CA GLY A 411 11.35 9.85 -23.73
C GLY A 411 12.26 9.43 -22.58
N GLU A 412 13.18 10.30 -22.18
CA GLU A 412 14.10 10.02 -21.09
C GLU A 412 13.51 10.31 -19.72
N PHE A 413 13.97 9.57 -18.72
CA PHE A 413 13.60 9.76 -17.33
C PHE A 413 14.79 9.41 -16.44
N GLN A 414 14.91 10.10 -15.30
CA GLN A 414 15.96 9.81 -14.33
C GLN A 414 15.42 8.98 -13.18
N PHE A 415 16.22 8.07 -12.63
CA PHE A 415 15.82 7.23 -11.51
C PHE A 415 17.01 6.72 -10.71
N ASN A 416 17.18 7.23 -9.49
CA ASN A 416 18.21 6.81 -8.55
C ASN A 416 19.61 6.77 -9.14
N GLY A 417 19.97 7.80 -9.92
CA GLY A 417 21.28 7.94 -10.53
C GLY A 417 21.41 7.49 -11.97
N ALA A 418 20.44 6.79 -12.51
CA ALA A 418 20.48 6.29 -13.88
C ALA A 418 19.55 7.02 -14.84
N THR A 419 19.92 7.03 -16.10
CA THR A 419 19.13 7.64 -17.16
C THR A 419 18.63 6.51 -18.07
N ALA A 420 17.36 6.51 -18.45
CA ALA A 420 16.82 5.49 -19.33
C ALA A 420 15.69 6.07 -20.17
N THR A 421 15.17 5.29 -21.13
CA THR A 421 14.06 5.77 -21.95
C THR A 421 12.82 4.89 -21.75
N TYR A 422 11.64 5.49 -21.84
CA TYR A 422 10.38 4.75 -21.68
C TYR A 422 10.12 3.83 -22.85
N PRO A 423 9.74 2.58 -22.59
CA PRO A 423 9.40 1.62 -23.63
C PRO A 423 8.08 2.00 -24.28
N ASP A 424 7.86 1.61 -25.53
CA ASP A 424 6.67 1.90 -26.31
C ASP A 424 5.64 0.78 -26.15
N VAL A 425 4.88 0.78 -25.06
CA VAL A 425 3.88 -0.23 -24.72
C VAL A 425 2.57 -0.13 -25.48
N LYS A 426 2.05 -1.27 -25.94
CA LYS A 426 0.83 -1.38 -26.72
C LYS A 426 -0.30 -2.17 -26.09
N LEU A 427 0.00 -3.14 -25.22
CA LEU A 427 -0.98 -3.99 -24.56
C LEU A 427 -0.67 -4.06 -23.06
N ALA A 428 -1.70 -3.95 -22.21
CA ALA A 428 -1.56 -4.09 -20.77
C ALA A 428 -2.52 -5.17 -20.26
N TYR A 429 -2.00 -6.06 -19.41
CA TYR A 429 -2.77 -7.17 -18.80
C TYR A 429 -2.75 -6.94 -17.29
N TRP A 430 -3.93 -6.81 -16.65
CA TRP A 430 -4.00 -6.57 -15.20
C TRP A 430 -4.77 -7.71 -14.52
N ALA A 431 -4.16 -8.32 -13.51
CA ALA A 431 -4.76 -9.37 -12.69
C ALA A 431 -4.53 -9.04 -11.21
N GLY A 432 -5.59 -9.05 -10.38
CA GLY A 432 -5.42 -8.79 -8.96
C GLY A 432 -5.02 -7.39 -8.57
N GLY A 433 -5.45 -6.38 -9.33
CA GLY A 433 -5.18 -4.97 -9.04
C GLY A 433 -6.28 -4.06 -9.59
N ASN A 434 -6.35 -2.84 -9.04
CA ASN A 434 -7.37 -1.86 -9.44
C ASN A 434 -6.76 -0.48 -9.68
N PRO A 435 -6.06 -0.26 -10.80
CA PRO A 435 -5.43 1.03 -11.12
C PRO A 435 -6.41 2.18 -11.31
N PHE A 436 -7.66 1.88 -11.70
CA PHE A 436 -8.75 2.86 -11.81
C PHE A 436 -9.36 3.22 -10.45
N ALA A 437 -8.74 2.78 -9.35
CA ALA A 437 -8.89 3.27 -8.00
C ALA A 437 -7.53 3.76 -7.44
N HIS A 438 -6.43 3.01 -7.66
CA HIS A 438 -5.16 3.29 -6.99
C HIS A 438 -4.24 4.37 -7.59
N HIS A 439 -4.33 4.62 -8.90
CA HIS A 439 -3.44 5.57 -9.57
C HIS A 439 -3.98 7.00 -9.50
N GLN A 440 -3.09 7.98 -9.51
CA GLN A 440 -3.41 9.40 -9.34
C GLN A 440 -3.89 10.12 -10.59
N ASP A 441 -4.68 11.18 -10.40
CA ASP A 441 -5.24 12.03 -11.45
C ASP A 441 -6.05 11.23 -12.47
N ARG A 442 -7.24 10.76 -12.05
CA ARG A 442 -8.13 9.94 -12.87
C ARG A 442 -8.40 10.53 -14.25
N ASN A 443 -8.72 11.82 -14.36
CA ASN A 443 -9.02 12.43 -15.67
C ASN A 443 -7.82 12.41 -16.61
N ARG A 444 -6.61 12.68 -16.12
CA ARG A 444 -5.38 12.60 -16.95
C ARG A 444 -5.19 11.15 -17.43
N MET A 445 -5.36 10.19 -16.51
CA MET A 445 -5.21 8.76 -16.79
C MET A 445 -6.17 8.26 -17.86
N LEU A 446 -7.44 8.72 -17.82
CA LEU A 446 -8.43 8.29 -18.81
C LEU A 446 -8.00 8.65 -20.23
N LYS A 447 -7.45 9.85 -20.42
CA LYS A 447 -6.98 10.28 -21.74
C LYS A 447 -5.73 9.50 -22.15
N ALA A 448 -4.79 9.28 -21.25
CA ALA A 448 -3.56 8.54 -21.55
C ALA A 448 -3.80 7.10 -21.93
N TRP A 449 -4.83 6.45 -21.36
CA TRP A 449 -5.15 5.04 -21.62
C TRP A 449 -5.49 4.82 -23.09
N GLU A 450 -5.89 5.85 -23.83
CA GLU A 450 -6.18 5.75 -25.26
C GLU A 450 -4.95 5.33 -26.06
N LYS A 451 -3.73 5.48 -25.54
CA LYS A 451 -2.51 5.05 -26.21
C LYS A 451 -2.40 3.52 -26.27
N LEU A 452 -3.08 2.77 -25.39
CA LEU A 452 -3.04 1.31 -25.43
C LEU A 452 -3.97 0.78 -26.52
N GLU A 453 -3.46 -0.17 -27.32
CA GLU A 453 -4.25 -0.86 -28.32
C GLU A 453 -5.23 -1.84 -27.66
N THR A 454 -4.79 -2.56 -26.62
CA THR A 454 -5.55 -3.64 -25.99
C THR A 454 -5.37 -3.64 -24.48
N PHE A 455 -6.48 -3.74 -23.74
CA PHE A 455 -6.47 -3.71 -22.27
C PHE A 455 -7.32 -4.87 -21.73
N ILE A 456 -6.68 -5.84 -21.07
CA ILE A 456 -7.30 -7.06 -20.54
C ILE A 456 -7.31 -7.04 -19.02
N VAL A 457 -8.47 -7.29 -18.40
CA VAL A 457 -8.64 -7.27 -16.93
C VAL A 457 -9.21 -8.59 -16.43
N GLN A 458 -8.61 -9.11 -15.36
CA GLN A 458 -9.00 -10.41 -14.73
C GLN A 458 -9.24 -10.17 -13.24
N ASP A 459 -10.47 -10.35 -12.76
CA ASP A 459 -10.88 -10.11 -11.38
C ASP A 459 -12.17 -10.90 -11.11
N PHE A 460 -12.65 -10.90 -9.87
CA PHE A 460 -13.94 -11.47 -9.52
C PHE A 460 -14.98 -10.40 -9.17
N GLN A 461 -14.60 -9.11 -9.10
CA GLN A 461 -15.53 -8.01 -8.81
C GLN A 461 -15.48 -6.94 -9.90
N TRP A 462 -16.63 -6.36 -10.26
CA TRP A 462 -16.82 -5.31 -11.28
C TRP A 462 -16.35 -3.93 -10.84
N THR A 463 -15.05 -3.82 -10.58
CA THR A 463 -14.38 -2.57 -10.21
C THR A 463 -14.39 -1.57 -11.37
N ALA A 464 -13.98 -0.32 -11.12
CA ALA A 464 -13.81 0.67 -12.20
C ALA A 464 -12.78 0.17 -13.22
N THR A 465 -11.76 -0.60 -12.82
CA THR A 465 -10.78 -1.14 -13.77
C THR A 465 -11.44 -2.15 -14.73
N ALA A 466 -12.20 -3.13 -14.19
CA ALA A 466 -12.93 -4.07 -15.05
C ALA A 466 -13.90 -3.35 -15.98
N ARG A 467 -14.59 -2.30 -15.48
CA ARG A 467 -15.54 -1.53 -16.28
C ARG A 467 -14.88 -0.79 -17.43
N HIS A 468 -13.58 -0.50 -17.36
CA HIS A 468 -12.82 0.19 -18.41
C HIS A 468 -12.04 -0.73 -19.34
N ALA A 469 -12.21 -2.06 -19.22
CA ALA A 469 -11.48 -3.01 -20.05
C ALA A 469 -12.04 -3.23 -21.45
N ASP A 470 -11.19 -3.74 -22.36
CA ASP A 470 -11.62 -4.23 -23.66
C ASP A 470 -12.15 -5.66 -23.50
N ILE A 471 -11.48 -6.47 -22.67
CA ILE A 471 -11.79 -7.89 -22.43
C ILE A 471 -11.78 -8.15 -20.91
N VAL A 472 -12.84 -8.76 -20.38
CA VAL A 472 -13.01 -9.06 -18.94
C VAL A 472 -13.09 -10.58 -18.76
N LEU A 473 -12.22 -11.15 -17.91
CA LEU A 473 -12.21 -12.60 -17.65
C LEU A 473 -12.51 -12.85 -16.18
N PRO A 474 -13.54 -13.63 -15.84
CA PRO A 474 -13.94 -13.87 -14.45
C PRO A 474 -13.10 -14.89 -13.73
N ALA A 475 -12.34 -14.43 -12.73
CA ALA A 475 -11.54 -15.30 -11.86
C ALA A 475 -12.37 -15.82 -10.68
N THR A 476 -11.89 -16.87 -10.02
CA THR A 476 -12.48 -17.32 -8.76
C THR A 476 -11.80 -16.60 -7.57
N THR A 477 -12.45 -16.64 -6.41
CA THR A 477 -11.87 -16.22 -5.14
C THR A 477 -11.01 -17.36 -4.56
N SER A 478 -10.26 -17.07 -3.48
CA SER A 478 -9.49 -18.10 -2.77
C SER A 478 -10.42 -19.16 -2.17
N TYR A 479 -11.70 -18.84 -1.94
CA TYR A 479 -12.67 -19.70 -1.27
C TYR A 479 -13.22 -20.79 -2.18
N GLU A 480 -12.86 -20.77 -3.48
CA GLU A 480 -13.28 -21.72 -4.50
C GLU A 480 -12.15 -22.62 -5.00
N ARG A 481 -11.08 -22.78 -4.22
CA ARG A 481 -9.91 -23.58 -4.55
C ARG A 481 -9.10 -23.93 -3.30
N ASN A 482 -8.04 -24.74 -3.42
CA ASN A 482 -7.15 -25.12 -2.31
C ASN A 482 -5.80 -24.42 -2.44
N ASP A 483 -5.13 -24.14 -1.31
CA ASP A 483 -3.83 -23.45 -1.31
C ASP A 483 -3.12 -23.68 0.04
N ILE A 484 -1.94 -23.06 0.19
CA ILE A 484 -1.09 -23.15 1.38
C ILE A 484 -0.42 -21.80 1.63
N GLU A 485 -0.32 -21.32 2.88
CA GLU A 485 0.26 -20.00 3.16
C GLU A 485 0.72 -19.88 4.62
N SER A 486 1.67 -18.98 4.87
CA SER A 486 2.12 -18.70 6.23
C SER A 486 1.20 -17.72 6.95
N VAL A 487 1.14 -17.86 8.28
CA VAL A 487 0.38 -17.00 9.19
C VAL A 487 1.38 -16.16 10.00
N GLY A 488 1.28 -14.83 9.87
CA GLY A 488 2.16 -13.86 10.54
C GLY A 488 3.28 -13.40 9.61
N ASP A 489 3.15 -12.20 9.04
CA ASP A 489 4.14 -11.65 8.12
C ASP A 489 5.55 -11.61 8.72
N TYR A 490 5.66 -11.24 9.99
CA TYR A 490 6.95 -11.20 10.68
C TYR A 490 7.11 -12.35 11.68
N SER A 491 6.05 -12.83 12.31
CA SER A 491 6.18 -13.92 13.28
C SER A 491 6.39 -15.29 12.66
N ASN A 492 5.79 -15.57 11.49
CA ASN A 492 5.82 -16.91 10.90
C ASN A 492 5.38 -17.92 11.98
N ARG A 493 4.24 -17.67 12.66
CA ARG A 493 3.76 -18.54 13.72
C ARG A 493 3.20 -19.86 13.24
N ALA A 494 2.78 -19.98 11.97
CA ALA A 494 2.21 -21.23 11.49
C ALA A 494 2.19 -21.31 9.96
N ILE A 495 1.92 -22.50 9.45
CA ILE A 495 1.61 -22.76 8.04
C ILE A 495 0.14 -23.27 8.07
N LEU A 496 -0.73 -22.68 7.23
CA LEU A 496 -2.13 -23.03 7.14
C LEU A 496 -2.52 -23.65 5.80
N ALA A 497 -3.42 -24.65 5.86
CA ALA A 497 -4.09 -25.19 4.69
C ALA A 497 -5.28 -24.27 4.35
N MET A 498 -5.23 -23.56 3.21
CA MET A 498 -6.34 -22.70 2.77
C MET A 498 -7.32 -23.59 1.99
N LYS A 499 -8.18 -24.32 2.71
CA LYS A 499 -9.06 -25.31 2.09
C LYS A 499 -10.24 -24.76 1.29
N LYS A 500 -10.61 -25.45 0.20
CA LYS A 500 -11.78 -25.01 -0.58
C LYS A 500 -13.04 -24.97 0.29
N VAL A 501 -13.79 -23.86 0.22
CA VAL A 501 -15.03 -23.69 0.97
C VAL A 501 -16.26 -24.06 0.14
N VAL A 502 -16.36 -23.56 -1.09
CA VAL A 502 -17.45 -23.80 -2.02
C VAL A 502 -16.93 -24.07 -3.43
N ASP A 503 -17.74 -24.66 -4.32
CA ASP A 503 -17.32 -24.88 -5.72
C ASP A 503 -17.33 -23.57 -6.50
N PRO A 504 -16.52 -23.45 -7.56
CA PRO A 504 -16.51 -22.25 -8.40
C PRO A 504 -17.90 -21.78 -8.79
N LEU A 505 -18.18 -20.48 -8.62
CA LEU A 505 -19.47 -19.88 -8.95
C LEU A 505 -19.59 -19.48 -10.42
N TYR A 506 -20.82 -19.51 -10.96
CA TYR A 506 -21.09 -19.04 -12.32
C TYR A 506 -20.13 -19.66 -13.33
N GLU A 507 -19.53 -18.91 -14.25
CA GLU A 507 -18.54 -19.42 -15.20
C GLU A 507 -17.11 -19.06 -14.75
N ALA A 508 -16.90 -18.66 -13.49
CA ALA A 508 -15.57 -18.28 -13.02
C ALA A 508 -14.56 -19.43 -13.05
N ARG A 509 -13.29 -19.11 -13.32
CA ARG A 509 -12.19 -20.08 -13.36
C ARG A 509 -11.00 -19.54 -12.56
N SER A 510 -10.20 -20.41 -11.94
CA SER A 510 -9.00 -19.93 -11.24
C SER A 510 -8.05 -19.21 -12.22
N ASP A 511 -7.25 -18.25 -11.70
CA ASP A 511 -6.22 -17.62 -12.54
C ASP A 511 -5.27 -18.69 -13.10
N TYR A 512 -4.89 -19.69 -12.31
CA TYR A 512 -4.06 -20.81 -12.77
C TYR A 512 -4.67 -21.47 -14.01
N ASP A 513 -5.96 -21.82 -13.95
CA ASP A 513 -6.62 -22.49 -15.08
C ASP A 513 -6.67 -21.60 -16.32
N ILE A 514 -6.89 -20.29 -16.17
CA ILE A 514 -6.93 -19.34 -17.28
C ILE A 514 -5.56 -19.28 -17.96
N PHE A 515 -4.50 -19.04 -17.17
CA PHE A 515 -3.14 -18.94 -17.72
C PHE A 515 -2.63 -20.25 -18.29
N ALA A 516 -3.00 -21.40 -17.72
CA ALA A 516 -2.61 -22.70 -18.30
C ALA A 516 -3.25 -22.89 -19.67
N ALA A 517 -4.50 -22.47 -19.85
CA ALA A 517 -5.20 -22.58 -21.14
C ALA A 517 -4.59 -21.66 -22.19
N LEU A 518 -4.11 -20.48 -21.79
CA LEU A 518 -3.43 -19.56 -22.71
C LEU A 518 -2.07 -20.15 -23.08
N ALA A 519 -1.33 -20.72 -22.13
CA ALA A 519 -0.06 -21.39 -22.43
C ALA A 519 -0.25 -22.56 -23.39
N GLU A 520 -1.32 -23.34 -23.22
CA GLU A 520 -1.61 -24.45 -24.13
C GLU A 520 -1.83 -23.94 -25.56
N ARG A 521 -2.55 -22.83 -25.72
CA ARG A 521 -2.82 -22.24 -27.03
C ARG A 521 -1.54 -21.76 -27.70
N LEU A 522 -0.51 -21.40 -26.93
CA LEU A 522 0.78 -20.99 -27.46
C LEU A 522 1.74 -22.15 -27.67
N GLY A 523 1.36 -23.38 -27.37
CA GLY A 523 2.17 -24.57 -27.53
C GLY A 523 3.19 -24.77 -26.42
N LYS A 524 2.95 -24.22 -25.23
CA LYS A 524 3.84 -24.29 -24.09
C LYS A 524 3.15 -24.75 -22.82
N GLY A 525 2.13 -25.61 -22.95
CA GLY A 525 1.37 -26.14 -21.83
C GLY A 525 2.19 -26.87 -20.78
N ALA A 526 2.99 -27.85 -21.19
CA ALA A 526 3.81 -28.64 -20.27
C ALA A 526 4.84 -27.79 -19.52
N GLU A 527 5.39 -26.75 -20.17
CA GLU A 527 6.33 -25.84 -19.54
C GLU A 527 5.63 -25.06 -18.43
N PHE A 528 4.36 -24.69 -18.65
CA PHE A 528 3.60 -23.96 -17.63
C PHE A 528 3.25 -24.83 -16.43
N THR A 529 2.66 -26.01 -16.66
CA THR A 529 2.20 -26.87 -15.57
C THR A 529 3.23 -27.78 -14.94
N GLU A 530 4.30 -28.11 -15.66
CA GLU A 530 5.31 -29.08 -15.23
C GLU A 530 4.68 -30.45 -15.02
N GLY A 531 3.50 -30.74 -15.58
CA GLY A 531 2.78 -31.97 -15.41
C GLY A 531 2.16 -32.18 -14.04
N ARG A 532 2.14 -31.16 -13.19
CA ARG A 532 1.61 -31.26 -11.83
C ARG A 532 0.14 -30.87 -11.79
N ASP A 533 -0.58 -31.28 -10.75
CA ASP A 533 -1.96 -30.87 -10.50
C ASP A 533 -1.97 -29.97 -9.25
N GLU A 534 -3.13 -29.47 -8.83
CA GLU A 534 -3.24 -28.55 -7.69
C GLU A 534 -2.58 -29.10 -6.43
N MET A 535 -2.98 -30.31 -6.00
CA MET A 535 -2.41 -30.88 -4.77
C MET A 535 -0.96 -31.27 -4.92
N GLY A 536 -0.51 -31.58 -6.15
CA GLY A 536 0.89 -31.88 -6.40
C GLY A 536 1.76 -30.63 -6.17
N TRP A 537 1.35 -29.48 -6.68
CA TRP A 537 2.07 -28.23 -6.42
C TRP A 537 2.09 -27.91 -4.92
N ILE A 538 0.94 -27.97 -4.24
CA ILE A 538 0.84 -27.66 -2.81
C ILE A 538 1.74 -28.57 -1.97
N SER A 539 1.70 -29.88 -2.22
CA SER A 539 2.55 -30.82 -1.47
C SER A 539 4.04 -30.59 -1.75
N SER A 540 4.42 -30.17 -2.96
CA SER A 540 5.83 -29.87 -3.23
C SER A 540 6.32 -28.71 -2.36
N PHE A 541 5.50 -27.68 -2.18
CA PHE A 541 5.88 -26.53 -1.35
C PHE A 541 6.00 -26.95 0.12
N TYR A 542 5.06 -27.76 0.62
CA TYR A 542 5.09 -28.26 1.99
C TYR A 542 6.34 -29.11 2.26
N GLU A 543 6.63 -30.06 1.36
CA GLU A 543 7.79 -30.95 1.54
C GLU A 543 9.10 -30.21 1.56
N ALA A 544 9.25 -29.11 0.81
CA ALA A 544 10.49 -28.33 0.85
C ALA A 544 10.63 -27.66 2.21
N ALA A 545 9.52 -27.21 2.81
CA ALA A 545 9.55 -26.63 4.16
C ALA A 545 9.93 -27.68 5.21
N VAL A 546 9.42 -28.91 5.08
CA VAL A 546 9.76 -30.02 5.98
C VAL A 546 11.26 -30.29 5.93
N LYS A 547 11.86 -30.34 4.72
CA LYS A 547 13.30 -30.60 4.64
C LYS A 547 14.11 -29.51 5.34
N GLN A 548 13.76 -28.24 5.15
CA GLN A 548 14.46 -27.13 5.81
C GLN A 548 14.34 -27.25 7.33
N ALA A 549 13.13 -27.58 7.81
CA ALA A 549 12.89 -27.74 9.24
C ALA A 549 13.69 -28.90 9.83
N GLU A 550 13.82 -30.03 9.12
CA GLU A 550 14.58 -31.18 9.58
C GLU A 550 16.03 -30.78 9.84
N PHE A 551 16.66 -29.95 9.00
CA PHE A 551 18.02 -29.48 9.20
C PHE A 551 18.14 -28.58 10.41
N LYS A 552 17.06 -27.94 10.88
CA LYS A 552 17.15 -27.08 12.06
C LYS A 552 16.45 -27.67 13.28
N ASN A 553 16.20 -28.96 13.25
CA ASN A 553 15.60 -29.71 14.34
C ASN A 553 14.22 -29.26 14.77
N VAL A 554 13.38 -28.89 13.81
CA VAL A 554 12.00 -28.46 14.03
C VAL A 554 11.10 -29.55 13.45
N ALA A 555 10.23 -30.07 14.31
CA ALA A 555 9.31 -31.15 14.00
C ALA A 555 8.12 -30.80 13.14
N MET A 556 7.82 -31.59 12.11
CA MET A 556 6.65 -31.37 11.27
C MET A 556 6.01 -32.68 10.86
N PRO A 557 4.68 -32.72 10.77
CA PRO A 557 3.93 -33.89 10.37
C PRO A 557 4.06 -34.24 8.89
N SER A 558 3.62 -35.44 8.51
CA SER A 558 3.56 -35.81 7.10
C SER A 558 2.60 -34.88 6.36
N PHE A 559 2.66 -34.81 5.03
CA PHE A 559 1.71 -33.95 4.30
C PHE A 559 0.26 -34.36 4.57
N GLU A 560 -0.04 -35.65 4.55
CA GLU A 560 -1.40 -36.14 4.78
C GLU A 560 -1.91 -35.71 6.15
N ASP A 561 -1.10 -35.83 7.20
CA ASP A 561 -1.51 -35.44 8.56
C ASP A 561 -1.65 -33.92 8.68
N PHE A 562 -0.76 -33.13 8.08
CA PHE A 562 -0.86 -31.68 8.04
C PHE A 562 -2.19 -31.26 7.39
N TRP A 563 -2.49 -31.82 6.20
CA TRP A 563 -3.71 -31.43 5.49
C TRP A 563 -4.96 -31.76 6.31
N SER A 564 -5.02 -32.95 6.91
CA SER A 564 -6.17 -33.33 7.74
C SER A 564 -6.36 -32.38 8.92
N GLU A 565 -5.29 -32.03 9.61
CA GLU A 565 -5.37 -31.14 10.78
C GLU A 565 -5.60 -29.69 10.40
N GLY A 566 -5.14 -29.27 9.21
CA GLY A 566 -5.31 -27.94 8.67
C GLY A 566 -4.29 -26.87 8.99
N ILE A 567 -3.33 -27.15 9.88
CA ILE A 567 -2.35 -26.19 10.35
C ILE A 567 -1.17 -26.90 11.02
N VAL A 568 -0.02 -26.22 11.07
CA VAL A 568 1.14 -26.64 11.86
C VAL A 568 1.68 -25.36 12.51
N GLU A 569 1.78 -25.34 13.84
CA GLU A 569 2.28 -24.19 14.61
C GLU A 569 3.74 -24.35 15.00
N PHE A 570 4.48 -23.22 15.00
CA PHE A 570 5.89 -23.16 15.34
C PHE A 570 6.07 -22.30 16.60
N PRO A 571 6.98 -22.72 17.45
CA PRO A 571 7.25 -22.06 18.71
C PRO A 571 8.21 -20.88 18.60
N ILE A 572 8.12 -20.02 19.60
CA ILE A 572 8.94 -18.81 19.71
C ILE A 572 9.90 -18.97 20.90
N THR A 573 11.17 -18.68 20.65
CA THR A 573 12.20 -18.72 21.70
C THR A 573 12.98 -17.40 21.67
N GLU A 574 14.12 -17.36 21.00
CA GLU A 574 14.97 -16.18 20.92
C GLU A 574 14.36 -14.96 20.28
N GLY A 575 13.36 -15.12 19.39
CA GLY A 575 12.70 -14.01 18.74
C GLY A 575 12.07 -13.01 19.71
N ALA A 576 11.69 -13.43 20.91
CA ALA A 576 11.09 -12.57 21.92
C ALA A 576 12.05 -11.52 22.47
N ASN A 577 13.35 -11.65 22.26
CA ASN A 577 14.38 -10.77 22.78
C ASN A 577 15.07 -9.87 21.75
N PHE A 578 14.60 -9.85 20.50
CA PHE A 578 15.23 -9.09 19.43
C PHE A 578 15.22 -7.57 19.62
N VAL A 579 16.39 -6.94 19.47
CA VAL A 579 16.59 -5.50 19.57
C VAL A 579 17.27 -5.02 18.27
N ARG A 580 16.56 -4.25 17.44
CA ARG A 580 17.09 -3.76 16.17
C ARG A 580 18.28 -2.84 16.36
N TYR A 581 19.37 -3.04 15.63
CA TYR A 581 20.61 -2.26 15.66
C TYR A 581 21.46 -2.45 16.91
N ALA A 582 21.18 -3.45 17.75
CA ALA A 582 21.99 -3.71 18.94
C ALA A 582 23.43 -4.07 18.58
N ASP A 583 23.67 -4.91 17.56
CA ASP A 583 25.03 -5.30 17.18
C ASP A 583 25.83 -4.11 16.64
N PHE A 584 25.22 -3.28 15.78
CA PHE A 584 25.84 -2.08 15.23
C PHE A 584 26.24 -1.12 16.36
N ARG A 585 25.36 -0.88 17.33
CA ARG A 585 25.66 0.01 18.45
C ARG A 585 26.80 -0.56 19.30
N GLU A 586 26.79 -1.87 19.58
CA GLU A 586 27.84 -2.50 20.39
C GLU A 586 29.23 -2.30 19.79
N ASP A 587 29.36 -2.51 18.49
CA ASP A 587 30.65 -2.38 17.81
C ASP A 587 30.42 -2.05 16.34
N PRO A 588 30.40 -0.77 15.98
CA PRO A 588 30.16 -0.34 14.60
C PRO A 588 31.28 -0.70 13.64
N LEU A 589 32.49 -0.97 14.14
CA LEU A 589 33.62 -1.36 13.30
C LEU A 589 33.55 -2.84 12.93
N PHE A 590 33.09 -3.70 13.85
CA PHE A 590 32.94 -5.14 13.59
C PHE A 590 31.67 -5.45 12.83
N ASN A 591 30.61 -4.66 13.01
CA ASN A 591 29.32 -4.81 12.36
C ASN A 591 28.92 -3.57 11.56
N PRO A 592 29.65 -3.19 10.53
CA PRO A 592 29.36 -2.01 9.73
C PRO A 592 28.06 -2.11 8.94
N LEU A 593 27.47 -0.95 8.64
CA LEU A 593 26.28 -0.87 7.79
C LEU A 593 26.70 -1.01 6.33
N GLY A 594 25.78 -1.26 5.41
CA GLY A 594 25.99 -1.41 3.99
C GLY A 594 26.00 -0.11 3.19
N THR A 595 26.54 0.94 3.78
CA THR A 595 26.69 2.26 3.16
C THR A 595 28.17 2.40 2.81
N PRO A 596 28.53 3.38 2.01
CA PRO A 596 29.92 3.60 1.61
C PRO A 596 30.86 3.77 2.79
N SER A 597 30.43 4.45 3.85
CA SER A 597 31.25 4.69 5.04
C SER A 597 31.16 3.60 6.10
N GLY A 598 30.12 2.77 6.02
CA GLY A 598 29.82 1.77 7.04
C GLY A 598 29.04 2.38 8.21
N LEU A 599 28.66 3.65 8.13
CA LEU A 599 27.94 4.39 9.16
C LEU A 599 26.63 4.99 8.63
N ILE A 600 25.81 5.58 9.50
CA ILE A 600 24.56 6.23 9.08
C ILE A 600 24.90 7.49 8.28
N GLU A 601 24.43 7.59 7.03
CA GLU A 601 24.78 8.73 6.18
C GLU A 601 23.82 9.91 6.26
N ILE A 602 24.08 10.83 7.19
CA ILE A 602 23.33 12.09 7.36
C ILE A 602 23.63 12.96 6.13
N TYR A 603 24.88 12.96 5.65
CA TYR A 603 25.30 13.56 4.40
C TYR A 603 25.70 12.38 3.47
N SER A 604 25.19 12.36 2.24
CA SER A 604 25.50 11.35 1.24
C SER A 604 26.25 11.88 0.02
N LYS A 605 27.55 11.57 -0.07
CA LYS A 605 28.35 11.97 -1.24
C LYS A 605 27.83 11.33 -2.51
N ASN A 606 27.32 10.10 -2.45
CA ASN A 606 26.76 9.43 -3.63
C ASN A 606 25.58 10.23 -4.18
N ILE A 607 24.67 10.70 -3.32
CA ILE A 607 23.54 11.52 -3.77
C ILE A 607 24.02 12.88 -4.27
N GLU A 608 25.04 13.48 -3.66
CA GLU A 608 25.59 14.75 -4.14
C GLU A 608 26.00 14.67 -5.61
N LYS A 609 26.66 13.58 -5.99
CA LYS A 609 27.14 13.37 -7.36
C LYS A 609 26.03 13.25 -8.39
N MET A 610 24.80 12.90 -7.99
CA MET A 610 23.69 12.81 -8.92
C MET A 610 23.22 14.16 -9.42
N GLY A 611 23.37 15.21 -8.61
CA GLY A 611 22.98 16.56 -9.00
C GLY A 611 21.50 16.79 -9.18
N TYR A 612 20.67 16.20 -8.33
CA TYR A 612 19.22 16.34 -8.41
C TYR A 612 18.75 17.50 -7.55
N ASP A 613 18.18 18.54 -8.16
CA ASP A 613 17.64 19.71 -7.49
C ASP A 613 16.56 19.38 -6.47
N ASP A 614 15.76 18.35 -6.76
CA ASP A 614 14.64 17.91 -5.93
C ASP A 614 14.99 16.83 -4.91
N CYS A 615 16.26 16.44 -4.79
CA CYS A 615 16.73 15.52 -3.75
C CYS A 615 18.20 15.81 -3.43
N PRO A 616 18.45 16.79 -2.58
CA PRO A 616 19.78 17.19 -2.13
C PRO A 616 20.53 16.11 -1.35
N ALA A 617 21.78 16.36 -1.00
CA ALA A 617 22.69 15.45 -0.31
C ALA A 617 22.56 15.31 1.19
N HIS A 618 21.65 16.02 1.84
CA HIS A 618 21.33 15.89 3.26
C HIS A 618 19.85 16.25 3.42
N PRO A 619 19.18 15.86 4.49
CA PRO A 619 17.77 16.20 4.68
C PRO A 619 17.58 17.72 4.56
N THR A 620 16.58 18.13 3.77
CA THR A 620 16.33 19.55 3.49
C THR A 620 14.84 19.87 3.36
N TRP A 621 14.43 21.03 3.89
CA TRP A 621 13.06 21.52 3.73
C TRP A 621 12.96 22.22 2.36
N MET A 622 12.00 21.80 1.54
CA MET A 622 11.68 22.35 0.22
C MET A 622 10.16 22.53 0.13
N GLU A 623 9.64 23.60 -0.47
CA GLU A 623 8.19 23.75 -0.57
C GLU A 623 7.62 22.72 -1.54
N PRO A 624 6.53 22.05 -1.19
CA PRO A 624 5.87 21.09 -2.08
C PRO A 624 5.10 21.84 -3.16
N ALA A 625 4.66 21.14 -4.21
CA ALA A 625 3.89 21.74 -5.30
C ALA A 625 2.66 22.50 -4.82
N GLU A 626 1.97 21.97 -3.82
CA GLU A 626 0.79 22.59 -3.20
C GLU A 626 0.69 22.12 -1.73
N ARG A 627 0.47 23.04 -0.78
CA ARG A 627 0.29 22.66 0.62
C ARG A 627 -0.53 23.70 1.41
N LEU A 628 -1.16 23.25 2.49
CA LEU A 628 -1.87 24.12 3.44
C LEU A 628 -0.84 25.08 4.05
N GLY A 629 -1.06 26.39 3.95
CA GLY A 629 -0.16 27.42 4.43
C GLY A 629 0.92 27.83 3.43
N GLY A 630 0.94 27.22 2.24
CA GLY A 630 1.94 27.54 1.24
C GLY A 630 1.65 28.80 0.45
N ALA A 631 2.71 29.53 0.09
CA ALA A 631 2.55 30.75 -0.69
C ALA A 631 1.99 30.41 -2.06
N GLY A 632 0.93 31.10 -2.49
CA GLY A 632 0.32 30.83 -3.78
C GLY A 632 -0.62 29.64 -3.84
N ALA A 633 -0.89 28.94 -2.75
CA ALA A 633 -1.83 27.82 -2.76
C ALA A 633 -3.15 28.28 -3.36
N LYS A 634 -3.72 27.53 -4.30
CA LYS A 634 -4.97 27.96 -4.94
C LYS A 634 -6.23 27.49 -4.25
N TYR A 635 -6.21 26.39 -3.52
CA TYR A 635 -7.41 25.84 -2.86
C TYR A 635 -7.19 25.80 -1.36
N PRO A 636 -8.24 25.87 -0.56
CA PRO A 636 -8.12 26.03 0.88
C PRO A 636 -7.88 24.86 1.80
N LEU A 637 -8.29 23.65 1.47
CA LEU A 637 -8.21 22.53 2.40
C LEU A 637 -7.33 21.38 1.96
N HIS A 638 -6.54 20.82 2.89
CA HIS A 638 -5.75 19.62 2.58
C HIS A 638 -6.66 18.39 2.62
N VAL A 639 -6.61 17.53 1.61
CA VAL A 639 -7.39 16.28 1.60
C VAL A 639 -6.53 15.11 2.08
N VAL A 640 -6.81 14.60 3.29
CA VAL A 640 -6.11 13.45 3.88
C VAL A 640 -6.68 12.19 3.22
N ALA A 641 -6.02 11.74 2.15
CA ALA A 641 -6.43 10.60 1.32
C ALA A 641 -5.76 9.32 1.84
N SER A 642 -6.13 8.94 3.06
CA SER A 642 -5.51 7.82 3.80
C SER A 642 -6.21 6.48 3.62
N HIS A 643 -5.71 5.43 4.29
CA HIS A 643 -6.26 4.07 4.10
C HIS A 643 -7.55 3.84 4.85
N PRO A 644 -8.54 3.18 4.24
CA PRO A 644 -9.85 2.99 4.84
C PRO A 644 -9.97 2.06 6.03
N LYS A 645 -10.85 2.37 6.99
CA LYS A 645 -11.09 1.49 8.13
C LYS A 645 -11.83 0.21 7.76
N SER A 646 -12.85 0.30 6.90
CA SER A 646 -13.75 -0.80 6.59
C SER A 646 -13.70 -1.34 5.17
N ARG A 647 -12.52 -1.27 4.58
CA ARG A 647 -12.14 -1.88 3.31
C ARG A 647 -10.62 -2.21 3.40
N LEU A 648 -10.16 -3.01 2.43
CA LEU A 648 -8.72 -3.15 2.12
C LEU A 648 -8.62 -2.39 0.77
N HIS A 649 -8.20 -1.10 0.77
CA HIS A 649 -8.17 -0.31 -0.46
C HIS A 649 -9.58 -0.23 -1.07
N SER A 650 -9.79 -0.70 -2.30
CA SER A 650 -11.09 -0.75 -2.95
C SER A 650 -11.86 -2.05 -2.61
N GLN A 651 -11.15 -3.04 -2.04
CA GLN A 651 -11.78 -4.33 -1.76
C GLN A 651 -12.91 -4.19 -0.75
N LEU A 652 -14.05 -4.81 -1.08
CA LEU A 652 -15.28 -4.87 -0.28
C LEU A 652 -16.16 -3.63 -0.43
N ASN A 653 -15.85 -2.67 -1.31
CA ASN A 653 -16.74 -1.51 -1.51
C ASN A 653 -18.10 -1.98 -2.07
N GLY A 654 -18.07 -2.97 -2.97
CA GLY A 654 -19.28 -3.52 -3.58
C GLY A 654 -19.86 -4.71 -2.81
N THR A 655 -20.04 -4.53 -1.49
CA THR A 655 -20.61 -5.52 -0.59
C THR A 655 -21.51 -4.81 0.42
N SER A 656 -22.24 -5.57 1.23
CA SER A 656 -23.10 -5.04 2.28
C SER A 656 -22.34 -4.33 3.38
N LEU A 657 -21.02 -4.52 3.49
CA LEU A 657 -20.17 -3.85 4.47
C LEU A 657 -20.17 -2.34 4.24
N ARG A 658 -20.43 -1.86 3.00
CA ARG A 658 -20.50 -0.45 2.66
C ARG A 658 -21.52 0.29 3.52
N ASP A 659 -22.58 -0.38 3.98
CA ASP A 659 -23.61 0.23 4.81
C ASP A 659 -23.08 0.74 6.15
N LEU A 660 -21.95 0.26 6.64
CA LEU A 660 -21.38 0.75 7.89
C LEU A 660 -20.94 2.21 7.82
N TYR A 661 -20.53 2.71 6.66
CA TYR A 661 -19.97 4.04 6.52
C TYR A 661 -20.52 4.93 5.42
N ALA A 662 -21.24 4.43 4.40
CA ALA A 662 -21.71 5.34 3.34
C ALA A 662 -22.63 6.40 3.91
N VAL A 663 -22.57 7.62 3.40
CA VAL A 663 -23.40 8.76 3.82
C VAL A 663 -24.23 9.22 2.63
N ALA A 664 -25.56 9.01 2.68
CA ALA A 664 -26.48 9.29 1.59
C ALA A 664 -26.06 8.53 0.33
N GLY A 665 -25.44 7.35 0.49
CA GLY A 665 -25.00 6.54 -0.63
C GLY A 665 -23.65 6.87 -1.24
N HIS A 666 -22.90 7.82 -0.68
CA HIS A 666 -21.60 8.24 -1.17
C HIS A 666 -20.48 7.97 -0.14
N GLU A 667 -19.24 8.06 -0.58
CA GLU A 667 -18.09 7.91 0.33
C GLU A 667 -18.15 9.03 1.37
N PRO A 668 -17.84 8.74 2.64
CA PRO A 668 -17.86 9.79 3.67
C PRO A 668 -16.71 10.78 3.57
N CYS A 669 -16.96 12.03 3.99
CA CYS A 669 -15.98 13.11 4.07
C CYS A 669 -15.96 13.69 5.49
N LEU A 670 -14.91 13.41 6.26
CA LEU A 670 -14.76 13.91 7.64
C LEU A 670 -14.36 15.39 7.56
N ILE A 671 -15.16 16.29 8.15
CA ILE A 671 -14.94 17.74 8.07
C ILE A 671 -15.10 18.40 9.44
N ASN A 672 -14.19 19.31 9.83
CA ASN A 672 -14.25 19.98 11.14
C ASN A 672 -15.45 20.90 11.20
N PRO A 673 -16.12 21.03 12.35
CA PRO A 673 -17.28 21.89 12.50
C PRO A 673 -17.06 23.34 12.08
N ALA A 674 -15.86 23.90 12.27
CA ALA A 674 -15.61 25.29 11.87
C ALA A 674 -15.60 25.46 10.36
N ASP A 675 -15.00 24.52 9.63
CA ASP A 675 -14.96 24.55 8.16
C ASP A 675 -16.33 24.26 7.58
N ALA A 676 -17.13 23.39 8.21
CA ALA A 676 -18.47 23.08 7.78
C ALA A 676 -19.42 24.27 7.97
N ALA A 677 -19.40 24.88 9.16
CA ALA A 677 -20.28 26.02 9.45
C ALA A 677 -20.01 27.20 8.53
N ALA A 678 -18.75 27.45 8.15
CA ALA A 678 -18.38 28.52 7.25
C ALA A 678 -18.99 28.37 5.86
N ARG A 679 -19.38 27.17 5.45
CA ARG A 679 -19.94 26.84 4.16
C ARG A 679 -21.42 26.47 4.23
N GLY A 680 -22.06 26.59 5.40
CA GLY A 680 -23.46 26.22 5.56
C GLY A 680 -23.70 24.72 5.43
N ILE A 681 -22.70 23.89 5.73
CA ILE A 681 -22.78 22.43 5.63
C ILE A 681 -23.22 21.80 6.94
N ALA A 682 -24.16 20.86 6.87
CA ALA A 682 -24.65 20.10 8.00
C ALA A 682 -24.31 18.61 7.83
N ASP A 683 -24.17 17.91 8.95
CA ASP A 683 -23.91 16.47 8.94
C ASP A 683 -24.96 15.76 8.09
N GLY A 684 -24.52 14.87 7.19
CA GLY A 684 -25.41 14.13 6.30
C GLY A 684 -25.66 14.73 4.93
N ASP A 685 -25.28 15.98 4.71
CA ASP A 685 -25.50 16.63 3.42
C ASP A 685 -24.65 16.03 2.29
N VAL A 686 -25.18 16.03 1.07
CA VAL A 686 -24.42 15.66 -0.12
C VAL A 686 -23.52 16.85 -0.48
N LEU A 687 -22.21 16.64 -0.62
CA LEU A 687 -21.23 17.66 -0.94
C LEU A 687 -20.49 17.42 -2.27
N ARG A 688 -20.00 18.50 -2.89
CA ARG A 688 -19.12 18.42 -4.05
C ARG A 688 -17.72 18.88 -3.62
N VAL A 689 -16.70 18.04 -3.79
CA VAL A 689 -15.29 18.31 -3.49
C VAL A 689 -14.57 18.51 -4.83
N PHE A 690 -13.82 19.61 -5.00
CA PHE A 690 -13.25 19.93 -6.30
C PHE A 690 -11.97 20.76 -6.29
N ASN A 691 -11.22 20.68 -7.39
CA ASN A 691 -10.02 21.48 -7.65
C ASN A 691 -9.87 21.65 -9.15
N ASP A 692 -8.69 22.07 -9.66
CA ASP A 692 -8.55 22.23 -11.11
C ASP A 692 -8.42 20.91 -11.86
N ARG A 693 -8.14 19.80 -11.17
CA ARG A 693 -7.97 18.50 -11.77
C ARG A 693 -9.24 17.67 -11.87
N GLY A 694 -10.18 17.78 -10.93
CA GLY A 694 -11.40 16.98 -10.95
C GLY A 694 -12.44 17.40 -9.91
N GLN A 695 -13.58 16.69 -9.92
CA GLN A 695 -14.72 16.94 -9.02
C GLN A 695 -15.43 15.64 -8.67
N ILE A 696 -15.77 15.46 -7.39
CA ILE A 696 -16.47 14.28 -6.88
C ILE A 696 -17.59 14.64 -5.90
N LEU A 697 -18.54 13.72 -5.74
CA LEU A 697 -19.54 13.79 -4.67
C LEU A 697 -19.09 12.95 -3.47
N VAL A 698 -19.43 13.39 -2.26
CA VAL A 698 -19.21 12.74 -0.98
C VAL A 698 -20.39 13.05 -0.05
N GLY A 699 -20.47 12.40 1.10
CA GLY A 699 -21.50 12.70 2.12
C GLY A 699 -20.81 13.22 3.38
N ALA A 700 -21.30 14.33 3.95
CA ALA A 700 -20.67 14.95 5.10
C ALA A 700 -20.72 14.19 6.43
N LYS A 701 -19.57 14.10 7.11
CA LYS A 701 -19.50 13.54 8.47
C LYS A 701 -18.79 14.63 9.29
N VAL A 702 -19.55 15.45 10.01
CA VAL A 702 -19.00 16.56 10.80
C VAL A 702 -18.40 16.08 12.12
N SER A 703 -17.13 16.37 12.36
CA SER A 703 -16.43 15.94 13.57
C SER A 703 -15.17 16.74 13.85
N ASP A 704 -14.90 17.06 15.13
CA ASP A 704 -13.67 17.75 15.50
C ASP A 704 -12.47 16.81 15.58
N ALA A 705 -12.61 15.54 15.17
CA ALA A 705 -11.45 14.63 15.13
C ALA A 705 -10.45 15.08 14.06
N VAL A 706 -10.87 15.75 12.99
CA VAL A 706 -9.92 16.26 11.97
C VAL A 706 -9.62 17.73 12.25
N MET A 707 -8.36 18.16 12.17
CA MET A 707 -7.99 19.56 12.43
C MET A 707 -8.62 20.54 11.46
N PRO A 708 -8.87 21.79 11.88
CA PRO A 708 -9.32 22.84 10.96
C PRO A 708 -8.30 22.95 9.83
N GLY A 709 -8.76 23.11 8.58
CA GLY A 709 -7.90 23.22 7.41
C GLY A 709 -7.69 21.90 6.65
N ALA A 710 -8.20 20.78 7.16
CA ALA A 710 -8.07 19.48 6.52
C ALA A 710 -9.37 18.70 6.53
N ILE A 711 -9.60 17.90 5.49
CA ILE A 711 -10.76 17.00 5.38
C ILE A 711 -10.26 15.57 5.10
N GLN A 712 -10.90 14.53 5.58
CA GLN A 712 -10.46 13.14 5.35
C GLN A 712 -11.41 12.39 4.42
N ILE A 713 -10.90 11.93 3.28
CA ILE A 713 -11.63 11.15 2.27
C ILE A 713 -10.71 9.96 1.95
N TYR A 714 -11.05 8.77 2.45
CA TYR A 714 -10.20 7.59 2.26
C TYR A 714 -10.06 7.13 0.81
N GLU A 715 -8.88 6.60 0.46
CA GLU A 715 -8.68 5.99 -0.86
C GLU A 715 -9.49 4.70 -1.01
N GLY A 716 -9.76 4.32 -2.26
CA GLY A 716 -10.41 3.07 -2.60
C GLY A 716 -11.85 3.11 -3.09
N GLY A 717 -12.47 4.30 -3.07
CA GLY A 717 -13.85 4.42 -3.53
C GLY A 717 -13.96 4.07 -5.02
N TRP A 718 -15.08 3.48 -5.43
CA TRP A 718 -15.30 3.08 -6.82
C TRP A 718 -15.81 4.26 -7.67
N TYR A 719 -14.99 4.65 -8.64
CA TYR A 719 -15.26 5.73 -9.59
C TYR A 719 -16.53 5.46 -10.39
N ASP A 720 -17.49 6.40 -10.37
CA ASP A 720 -18.79 6.24 -11.02
C ASP A 720 -19.17 7.48 -11.81
N PRO A 721 -18.63 7.62 -13.02
CA PRO A 721 -18.84 8.82 -13.84
C PRO A 721 -20.29 9.12 -14.20
N LEU A 722 -20.70 10.39 -14.04
CA LEU A 722 -22.06 10.82 -14.42
C LEU A 722 -22.30 10.62 -15.91
N ASP A 723 -21.39 11.10 -16.77
CA ASP A 723 -21.48 10.95 -18.22
C ASP A 723 -20.09 10.57 -18.72
N PRO A 724 -19.85 9.29 -18.95
CA PRO A 724 -18.58 8.76 -19.41
C PRO A 724 -18.05 9.35 -20.71
N SER A 725 -18.90 9.98 -21.53
CA SER A 725 -18.49 10.60 -22.77
C SER A 725 -18.04 12.05 -22.61
N GLU A 726 -18.16 12.62 -21.42
CA GLU A 726 -17.78 14.01 -21.19
C GLU A 726 -16.50 14.18 -20.40
N GLU A 727 -15.54 14.93 -20.94
CA GLU A 727 -14.27 15.19 -20.25
C GLU A 727 -14.52 15.93 -18.95
N GLY A 728 -13.90 15.49 -17.85
CA GLY A 728 -14.05 16.13 -16.55
C GLY A 728 -15.36 15.89 -15.83
N THR A 729 -16.14 14.89 -16.23
CA THR A 729 -17.43 14.61 -15.62
C THR A 729 -17.35 14.36 -14.13
N LEU A 730 -18.43 14.72 -13.43
CA LEU A 730 -18.56 14.50 -11.99
C LEU A 730 -18.60 13.01 -11.62
N ASP A 731 -17.83 12.62 -10.60
CA ASP A 731 -17.87 11.26 -10.05
C ASP A 731 -19.02 11.19 -9.04
N LYS A 732 -20.03 10.36 -9.28
CA LYS A 732 -21.19 10.23 -8.42
C LYS A 732 -20.96 9.56 -7.07
N TYR A 733 -19.91 8.76 -6.89
CA TYR A 733 -19.68 8.02 -5.65
C TYR A 733 -18.61 8.59 -4.72
N GLY A 734 -17.39 8.81 -5.22
CA GLY A 734 -16.30 9.33 -4.42
C GLY A 734 -14.94 8.66 -4.42
N ASP A 735 -14.28 8.56 -5.57
CA ASP A 735 -12.91 8.09 -5.75
C ASP A 735 -11.98 9.29 -5.53
N VAL A 736 -11.28 9.34 -4.38
CA VAL A 736 -10.42 10.49 -4.05
C VAL A 736 -9.32 10.76 -5.05
N ASN A 737 -8.91 9.74 -5.84
CA ASN A 737 -7.87 9.91 -6.86
C ASN A 737 -8.33 10.66 -8.10
N VAL A 738 -9.60 11.09 -8.16
CA VAL A 738 -10.07 12.06 -9.17
C VAL A 738 -9.47 13.44 -8.83
N LEU A 739 -9.05 13.67 -7.57
CA LEU A 739 -8.51 14.95 -7.12
C LEU A 739 -6.99 15.05 -7.05
N SER A 740 -6.29 13.91 -7.09
CA SER A 740 -4.83 13.89 -6.90
C SER A 740 -4.01 14.32 -8.10
N LEU A 741 -2.74 14.58 -7.86
CA LEU A 741 -1.72 15.01 -8.82
C LEU A 741 -0.82 13.81 -9.16
N ASP A 742 -0.38 13.68 -10.41
CA ASP A 742 0.44 12.55 -10.85
C ASP A 742 1.85 12.99 -11.23
N VAL A 743 2.76 13.09 -10.26
CA VAL A 743 4.15 13.49 -10.44
C VAL A 743 5.06 12.66 -9.54
N GLY A 744 6.35 12.55 -9.85
CA GLY A 744 7.28 11.81 -9.00
C GLY A 744 7.65 12.55 -7.72
N THR A 745 7.96 11.78 -6.67
CA THR A 745 8.43 12.35 -5.41
C THR A 745 9.64 13.27 -5.65
N SER A 746 10.56 12.79 -6.48
CA SER A 746 11.77 13.44 -6.94
C SER A 746 12.43 12.51 -7.98
N LYS A 747 13.58 12.92 -8.52
CA LYS A 747 14.34 12.10 -9.45
C LYS A 747 15.02 10.91 -8.73
N LEU A 748 15.16 10.94 -7.41
CA LEU A 748 15.75 9.82 -6.69
C LEU A 748 14.87 8.57 -6.73
N ALA A 749 13.64 8.61 -6.19
CA ALA A 749 12.76 7.45 -6.13
C ALA A 749 11.63 7.38 -7.15
N GLN A 750 11.19 8.51 -7.70
CA GLN A 750 10.09 8.53 -8.67
C GLN A 750 8.83 7.88 -8.10
N GLY A 751 8.57 8.09 -6.79
CA GLY A 751 7.39 7.51 -6.13
C GLY A 751 6.14 8.32 -6.37
N ASN A 752 4.97 7.77 -6.00
CA ASN A 752 3.71 8.51 -6.13
C ASN A 752 3.56 9.54 -4.99
N CYS A 753 2.80 10.60 -5.28
CA CYS A 753 2.50 11.69 -4.38
C CYS A 753 1.00 11.73 -4.06
N GLY A 754 0.36 10.58 -3.82
CA GLY A 754 -1.05 10.46 -3.55
C GLY A 754 -1.66 11.19 -2.38
N GLN A 755 -0.86 11.70 -1.45
CA GLN A 755 -1.35 12.49 -0.32
C GLN A 755 -0.94 13.95 -0.39
N THR A 756 -0.49 14.46 -1.54
CA THR A 756 -0.22 15.88 -1.80
C THR A 756 -1.45 16.43 -2.52
N ILE A 757 -2.51 16.86 -1.79
CA ILE A 757 -3.78 17.29 -2.37
C ILE A 757 -4.42 18.49 -1.65
N LEU A 758 -4.74 19.55 -2.40
CA LEU A 758 -5.54 20.67 -1.92
C LEU A 758 -6.85 20.74 -2.73
N ALA A 759 -7.97 21.06 -2.08
CA ALA A 759 -9.27 21.19 -2.74
C ALA A 759 -10.20 22.13 -1.93
N ASP A 760 -11.36 22.47 -2.50
CA ASP A 760 -12.43 23.15 -1.79
C ASP A 760 -13.63 22.18 -1.74
N VAL A 761 -14.60 22.49 -0.88
CA VAL A 761 -15.82 21.72 -0.72
C VAL A 761 -17.02 22.66 -0.59
N GLU A 762 -18.17 22.24 -1.12
CA GLU A 762 -19.41 23.01 -1.03
C GLU A 762 -20.62 22.08 -0.90
N LYS A 763 -21.74 22.57 -0.38
CA LYS A 763 -22.99 21.81 -0.41
C LYS A 763 -23.34 21.63 -1.88
N TYR A 764 -23.62 20.41 -2.34
CA TYR A 764 -23.97 20.16 -3.75
C TYR A 764 -25.26 20.90 -4.11
N ALA A 765 -25.27 21.58 -5.25
CA ALA A 765 -26.42 22.36 -5.68
C ALA A 765 -27.03 21.96 -7.02
N GLY A 766 -26.54 20.87 -7.62
CA GLY A 766 -27.03 20.40 -8.91
C GLY A 766 -28.23 19.47 -8.79
N ALA A 767 -28.61 18.85 -9.91
CA ALA A 767 -29.73 17.92 -9.91
C ALA A 767 -29.40 16.58 -9.28
N PRO A 768 -30.37 15.91 -8.71
CA PRO A 768 -30.19 14.57 -8.15
C PRO A 768 -29.60 13.61 -9.19
N VAL A 769 -28.70 12.73 -8.75
CA VAL A 769 -28.05 11.70 -9.54
C VAL A 769 -28.18 10.36 -8.80
N THR A 770 -27.98 9.25 -9.51
CA THR A 770 -28.09 7.92 -8.93
C THR A 770 -26.82 7.09 -9.08
N VAL A 771 -26.24 6.61 -7.98
CA VAL A 771 -25.05 5.75 -8.02
C VAL A 771 -25.43 4.41 -8.64
N THR A 772 -24.66 3.92 -9.62
CA THR A 772 -24.89 2.63 -10.26
C THR A 772 -23.68 1.70 -10.26
N VAL A 773 -22.53 2.09 -9.71
CA VAL A 773 -21.31 1.28 -9.73
C VAL A 773 -21.36 0.03 -8.86
N PHE A 774 -22.34 -0.11 -7.97
CA PHE A 774 -22.50 -1.31 -7.16
C PHE A 774 -23.62 -2.21 -7.70
N ASP A 775 -24.16 -1.91 -8.90
CA ASP A 775 -25.17 -2.72 -9.54
C ASP A 775 -24.56 -3.67 -10.58
N THR A 776 -25.24 -4.78 -10.88
CA THR A 776 -24.76 -5.68 -11.93
C THR A 776 -24.81 -4.98 -13.29
N PRO A 777 -23.75 -4.96 -14.08
CA PRO A 777 -23.76 -4.35 -15.41
C PRO A 777 -24.80 -5.00 -16.33
N LYS A 778 -25.38 -4.24 -17.27
CA LYS A 778 -26.34 -4.79 -18.22
C LYS A 778 -25.72 -5.92 -19.03
N GLY A 779 -26.40 -7.06 -19.12
CA GLY A 779 -25.91 -8.22 -19.85
C GLY A 779 -25.03 -9.16 -19.04
N ALA A 780 -24.71 -8.80 -17.80
CA ALA A 780 -23.85 -9.62 -16.93
C ALA A 780 -24.61 -10.23 -15.77
#